data_4BO5
#
_entry.id   4BO5
#
_cell.length_a   54.150
_cell.length_b   108.710
_cell.length_c   146.340
_cell.angle_alpha   90.00
_cell.angle_beta   90.00
_cell.angle_gamma   90.00
#
_symmetry.space_group_name_H-M   'P 21 21 21'
#
loop_
_entity.id
_entity.type
_entity.pdbx_description
1 polymer '3-OXOACYL-[ACYL-CARRIER-PROTEIN] REDUCTASE FABG'
2 non-polymer N-(2-chlorophenyl)-4-pyrrol-1-yl-1,3,5-triazin-2-amine
3 non-polymer 'NICKEL (II) ION'
4 water water
#
_entity_poly.entity_id   1
_entity_poly.type   'polypeptide(L)'
_entity_poly.pdbx_seq_one_letter_code
;MHHHHHHSSGVDLGTENLYFQSMSLQGKVALVTGASRGIGQAIALELGRLGAVVIGTATSASGAEKIAETLKANGVEGAG
LVLDVSSDESVAATLEHIQQHLGQPLIVVNNAGITRDNLLVRMKDDEWFDVVNTNLNSLYRLSKAVLRGMTKARWGRIIN
IGSVVGAMGNAGQTNYAAAKAGLEGFTRALAREVGSRAITVNAVAPGFIDTDMTRELPEAQREALLGQIPLGRLGQAEEI
AKVVGFLASDGAAYVTGATVPVNGGMYMS
;
_entity_poly.pdbx_strand_id   A,B,C,D
#
# COMPACT_ATOMS: atom_id res chain seq x y z
N LEU A 18 -30.21 20.91 33.04
CA LEU A 18 -31.17 21.88 32.42
C LEU A 18 -30.78 22.42 31.04
N TYR A 19 -29.94 21.70 30.29
CA TYR A 19 -29.46 22.19 28.98
C TYR A 19 -28.74 21.11 28.19
N PHE A 20 -29.40 20.56 27.17
CA PHE A 20 -28.88 19.44 26.39
C PHE A 20 -28.42 19.84 24.98
N GLN A 21 -27.15 19.63 24.67
CA GLN A 21 -26.61 20.00 23.39
C GLN A 21 -27.11 19.03 22.34
N SER A 22 -27.24 19.51 21.11
CA SER A 22 -27.79 18.72 20.01
C SER A 22 -26.64 18.25 19.12
N MET A 23 -25.50 18.01 19.77
CA MET A 23 -24.23 17.84 19.05
C MET A 23 -23.93 16.36 19.00
N SER A 24 -23.17 15.96 17.99
CA SER A 24 -23.15 14.54 17.63
C SER A 24 -22.55 13.60 18.69
N LEU A 25 -21.72 14.10 19.61
CA LEU A 25 -21.12 13.26 20.67
C LEU A 25 -21.66 13.52 22.09
N GLN A 26 -22.76 14.24 22.16
CA GLN A 26 -23.52 14.40 23.36
C GLN A 26 -23.65 13.08 24.11
N GLY A 27 -23.45 13.10 25.41
CA GLY A 27 -23.61 11.91 26.26
C GLY A 27 -22.39 11.00 26.31
N LYS A 28 -21.31 11.37 25.61
CA LYS A 28 -20.09 10.59 25.61
C LYS A 28 -18.91 11.21 26.33
N VAL A 29 -18.05 10.34 26.82
CA VAL A 29 -16.84 10.74 27.50
C VAL A 29 -15.65 10.35 26.64
N ALA A 30 -14.84 11.34 26.37
CA ALA A 30 -13.73 11.19 25.46
C ALA A 30 -12.41 11.47 26.19
N LEU A 31 -11.47 10.57 26.02
CA LEU A 31 -10.12 10.77 26.56
C LEU A 31 -9.21 11.16 25.41
N VAL A 32 -8.54 12.29 25.55
CA VAL A 32 -7.56 12.72 24.58
C VAL A 32 -6.20 12.89 25.22
N THR A 33 -5.25 12.05 24.87
CA THR A 33 -3.91 12.14 25.43
C THR A 33 -3.11 13.20 24.73
N GLY A 34 -2.22 13.89 25.48
CA GLY A 34 -1.32 14.90 24.92
C GLY A 34 -2.11 16.09 24.42
N ALA A 35 -2.99 16.59 25.28
CA ALA A 35 -3.97 17.58 24.87
C ALA A 35 -3.59 19.02 25.19
N SER A 36 -2.37 19.25 25.67
CA SER A 36 -2.01 20.57 26.17
C SER A 36 -1.62 21.55 25.07
N ARG A 37 -1.18 21.04 23.92
CA ARG A 37 -0.69 21.88 22.85
C ARG A 37 -1.18 21.41 21.48
N GLY A 38 -1.17 22.31 20.51
CA GLY A 38 -1.32 21.95 19.11
C GLY A 38 -2.47 21.01 18.76
N ILE A 39 -2.12 19.91 18.10
CA ILE A 39 -3.12 19.01 17.55
C ILE A 39 -3.97 18.40 18.65
N GLY A 40 -3.34 17.98 19.74
CA GLY A 40 -4.05 17.46 20.90
C GLY A 40 -5.03 18.41 21.55
N GLN A 41 -4.63 19.67 21.68
CA GLN A 41 -5.56 20.67 22.20
C GLN A 41 -6.72 20.89 21.23
N ALA A 42 -6.40 20.93 19.95
CA ALA A 42 -7.42 21.19 18.98
C ALA A 42 -8.44 20.05 18.92
N ILE A 43 -7.97 18.82 19.03
CA ILE A 43 -8.87 17.65 19.14
C ILE A 43 -9.76 17.72 20.38
N ALA A 44 -9.19 18.06 21.53
CA ALA A 44 -10.01 18.18 22.76
C ALA A 44 -11.12 19.22 22.61
N LEU A 45 -10.77 20.34 21.99
CA LEU A 45 -11.74 21.42 21.78
C LEU A 45 -12.84 21.05 20.79
N GLU A 46 -12.46 20.33 19.75
CA GLU A 46 -13.43 19.87 18.76
C GLU A 46 -14.38 18.81 19.28
N LEU A 47 -13.86 17.83 20.02
CA LEU A 47 -14.71 16.85 20.63
C LEU A 47 -15.65 17.52 21.62
N GLY A 48 -15.15 18.50 22.36
CA GLY A 48 -15.97 19.25 23.31
C GLY A 48 -17.04 20.08 22.64
N ARG A 49 -16.67 20.76 21.56
CA ARG A 49 -17.60 21.49 20.75
C ARG A 49 -18.69 20.57 20.21
N LEU A 50 -18.34 19.33 19.85
CA LEU A 50 -19.34 18.35 19.44
C LEU A 50 -20.14 17.74 20.58
N GLY A 51 -19.94 18.25 21.77
CA GLY A 51 -20.79 17.90 22.91
C GLY A 51 -20.29 16.80 23.84
N ALA A 52 -19.05 16.33 23.65
CA ALA A 52 -18.52 15.32 24.53
C ALA A 52 -18.07 15.95 25.81
N VAL A 53 -18.04 15.16 26.87
CA VAL A 53 -17.30 15.47 28.05
C VAL A 53 -15.86 15.05 27.79
N VAL A 54 -14.91 15.96 27.93
CA VAL A 54 -13.55 15.72 27.47
C VAL A 54 -12.55 15.65 28.60
N ILE A 55 -11.77 14.57 28.63
CA ILE A 55 -10.64 14.49 29.54
C ILE A 55 -9.40 14.57 28.73
N GLY A 56 -8.68 15.68 28.87
CA GLY A 56 -7.40 15.87 28.15
C GLY A 56 -6.29 15.54 29.11
N THR A 57 -5.22 14.91 28.63
CA THR A 57 -4.10 14.58 29.53
C THR A 57 -2.78 15.18 29.09
N ALA A 58 -1.94 15.40 30.10
CA ALA A 58 -0.55 15.82 29.95
C ALA A 58 0.29 14.99 30.90
N THR A 59 1.60 15.11 30.74
CA THR A 59 2.57 14.35 31.53
C THR A 59 2.93 15.06 32.82
N SER A 60 2.56 16.34 32.94
CA SER A 60 2.84 17.12 34.13
C SER A 60 1.60 17.82 34.66
N ALA A 61 1.63 18.06 35.98
CA ALA A 61 0.58 18.80 36.68
C ALA A 61 0.29 20.18 36.06
N SER A 62 1.33 20.87 35.59
CA SER A 62 1.11 22.20 35.01
C SER A 62 0.40 22.09 33.65
N GLY A 63 0.75 21.07 32.86
CA GLY A 63 0.06 20.79 31.61
C GLY A 63 -1.41 20.47 31.81
N ALA A 64 -1.70 19.68 32.83
CA ALA A 64 -3.08 19.32 33.16
C ALA A 64 -3.92 20.51 33.60
N GLU A 65 -3.33 21.38 34.41
CA GLU A 65 -3.98 22.60 34.92
C GLU A 65 -4.31 23.49 33.71
N LYS A 66 -3.37 23.58 32.77
CA LYS A 66 -3.58 24.34 31.55
C LYS A 66 -4.72 23.78 30.72
N ILE A 67 -4.76 22.46 30.58
CA ILE A 67 -5.85 21.80 29.86
C ILE A 67 -7.22 22.17 30.49
N ALA A 68 -7.34 22.03 31.79
CA ALA A 68 -8.57 22.39 32.50
C ALA A 68 -8.98 23.83 32.23
N GLU A 69 -8.02 24.75 32.25
CA GLU A 69 -8.36 26.16 32.03
C GLU A 69 -8.84 26.39 30.62
N THR A 70 -8.20 25.74 29.66
CA THR A 70 -8.57 25.89 28.26
C THR A 70 -10.00 25.38 28.04
N LEU A 71 -10.29 24.21 28.57
CA LEU A 71 -11.61 23.63 28.41
C LEU A 71 -12.63 24.58 28.99
N LYS A 72 -12.36 25.12 30.17
CA LYS A 72 -13.29 26.08 30.84
C LYS A 72 -13.49 27.35 29.99
N ALA A 73 -12.38 27.96 29.62
CA ALA A 73 -12.42 29.10 28.73
C ALA A 73 -13.29 28.85 27.50
N ASN A 74 -13.31 27.61 26.99
CA ASN A 74 -14.09 27.29 25.76
C ASN A 74 -15.46 26.64 26.04
N GLY A 75 -15.87 26.62 27.29
CA GLY A 75 -17.19 26.15 27.68
C GLY A 75 -17.37 24.64 27.58
N VAL A 76 -16.29 23.90 27.75
CA VAL A 76 -16.31 22.44 27.62
C VAL A 76 -16.28 21.77 28.99
N GLU A 77 -17.21 20.86 29.24
CA GLU A 77 -17.21 20.07 30.48
C GLU A 77 -16.15 19.01 30.36
N GLY A 78 -15.54 18.70 31.47
CA GLY A 78 -14.49 17.70 31.51
C GLY A 78 -13.38 18.03 32.51
N ALA A 79 -12.15 17.71 32.14
CA ALA A 79 -11.04 17.83 33.07
C ALA A 79 -9.71 17.64 32.38
N GLY A 80 -8.67 18.09 33.05
CA GLY A 80 -7.29 17.80 32.65
C GLY A 80 -6.66 16.95 33.72
N LEU A 81 -5.98 15.88 33.30
CA LEU A 81 -5.33 14.97 34.23
C LEU A 81 -3.90 14.68 33.83
N VAL A 82 -3.16 14.10 34.76
CA VAL A 82 -1.80 13.71 34.54
C VAL A 82 -1.75 12.25 34.18
N LEU A 83 -1.04 11.94 33.10
CA LEU A 83 -0.98 10.58 32.57
C LEU A 83 0.33 10.31 31.87
N ASP A 84 0.95 9.20 32.22
CA ASP A 84 2.12 8.74 31.55
C ASP A 84 1.71 7.48 30.82
N VAL A 85 1.59 7.58 29.50
CA VAL A 85 1.18 6.44 28.70
C VAL A 85 2.21 5.34 28.68
N SER A 86 3.43 5.60 29.14
CA SER A 86 4.46 4.54 29.17
C SER A 86 4.45 3.68 30.45
N SER A 87 3.55 3.96 31.41
CA SER A 87 3.50 3.25 32.71
C SER A 87 2.12 2.60 33.01
N ASP A 88 2.11 1.28 33.21
CA ASP A 88 0.84 0.57 33.46
C ASP A 88 0.10 1.10 34.70
N GLU A 89 0.86 1.42 35.74
CA GLU A 89 0.28 1.99 36.95
C GLU A 89 -0.47 3.30 36.62
N SER A 90 0.22 4.23 35.96
CA SER A 90 -0.38 5.53 35.62
C SER A 90 -1.66 5.40 34.79
N VAL A 91 -1.61 4.54 33.77
CA VAL A 91 -2.75 4.23 32.95
C VAL A 91 -3.91 3.63 33.75
N ALA A 92 -3.64 2.58 34.53
CA ALA A 92 -4.68 1.96 35.36
C ALA A 92 -5.33 2.99 36.31
N ALA A 93 -4.49 3.81 36.93
CA ALA A 93 -4.94 4.75 37.97
C ALA A 93 -5.82 5.84 37.36
N THR A 94 -5.33 6.41 36.26
CA THR A 94 -6.04 7.46 35.58
C THR A 94 -7.38 6.94 35.09
N LEU A 95 -7.42 5.73 34.52
CA LEU A 95 -8.72 5.17 34.10
C LEU A 95 -9.70 5.01 35.24
N GLU A 96 -9.25 4.40 36.33
CA GLU A 96 -10.09 4.26 37.51
C GLU A 96 -10.64 5.62 37.95
N HIS A 97 -9.76 6.61 38.04
CA HIS A 97 -10.16 7.96 38.41
C HIS A 97 -11.26 8.48 37.52
N ILE A 98 -11.13 8.24 36.21
CA ILE A 98 -12.12 8.73 35.25
C ILE A 98 -13.50 8.07 35.44
N GLN A 99 -13.51 6.76 35.63
CA GLN A 99 -14.75 6.02 35.95
C GLN A 99 -15.37 6.53 37.26
N GLN A 100 -14.55 6.65 38.29
CA GLN A 100 -14.98 7.19 39.57
C GLN A 100 -15.84 8.41 39.36
N HIS A 101 -15.27 9.45 38.75
CA HIS A 101 -15.90 10.79 38.73
C HIS A 101 -16.70 11.15 37.49
N LEU A 102 -16.42 10.51 36.35
CA LEU A 102 -16.99 10.99 35.08
C LEU A 102 -17.65 9.98 34.16
N GLY A 103 -17.41 8.70 34.36
CA GLY A 103 -17.95 7.69 33.45
C GLY A 103 -16.87 7.06 32.59
N GLN A 104 -17.22 5.95 31.95
CA GLN A 104 -16.30 5.23 31.10
C GLN A 104 -16.01 6.04 29.83
N PRO A 105 -14.73 6.23 29.49
CA PRO A 105 -14.43 6.92 28.26
C PRO A 105 -14.58 5.93 27.11
N LEU A 106 -15.51 6.20 26.21
CA LEU A 106 -15.79 5.31 25.08
C LEU A 106 -15.21 5.86 23.79
N ILE A 107 -14.69 7.09 23.86
CA ILE A 107 -13.88 7.66 22.80
C ILE A 107 -12.49 7.92 23.30
N VAL A 108 -11.48 7.36 22.64
CA VAL A 108 -10.11 7.55 23.06
C VAL A 108 -9.23 7.95 21.88
N VAL A 109 -8.56 9.09 22.04
CA VAL A 109 -7.67 9.56 21.03
C VAL A 109 -6.27 9.50 21.58
N ASN A 110 -5.43 8.66 20.96
CA ASN A 110 -4.01 8.58 21.31
C ASN A 110 -3.17 9.55 20.49
N ASN A 111 -2.74 10.61 21.14
CA ASN A 111 -1.96 11.63 20.46
C ASN A 111 -0.58 11.76 21.05
N ALA A 112 -0.42 11.42 22.32
CA ALA A 112 0.88 11.50 23.05
C ALA A 112 2.06 10.56 22.59
N GLY A 113 2.42 10.54 21.29
CA GLY A 113 3.61 9.76 20.85
C GLY A 113 4.94 10.46 21.17
N ILE A 114 5.99 9.73 21.56
CA ILE A 114 7.34 10.34 21.69
C ILE A 114 7.99 10.68 20.32
N THR A 115 9.20 11.24 20.35
CA THR A 115 10.08 11.37 19.16
C THR A 115 11.54 11.05 19.54
N ARG A 116 12.46 11.13 18.58
CA ARG A 116 13.88 10.79 18.82
C ARG A 116 14.54 11.73 19.84
N ASP A 117 13.95 12.91 20.02
CA ASP A 117 14.35 13.85 21.06
C ASP A 117 13.98 13.40 22.51
N ASN A 118 13.47 12.18 22.68
CA ASN A 118 13.22 11.59 23.99
C ASN A 118 13.78 10.15 24.13
N ASP A 126 19.54 3.78 14.41
CA ASP A 126 19.55 3.98 15.88
C ASP A 126 18.11 4.33 16.37
N GLU A 127 17.64 5.49 15.95
CA GLU A 127 16.58 6.17 16.67
C GLU A 127 15.20 5.70 16.22
N TRP A 128 15.05 5.31 14.95
CA TRP A 128 13.72 4.96 14.42
C TRP A 128 13.10 3.75 15.13
N PHE A 129 13.92 2.74 15.40
CA PHE A 129 13.37 1.51 15.96
C PHE A 129 12.82 1.73 17.37
N ASP A 130 13.60 2.39 18.24
CA ASP A 130 13.15 2.65 19.64
C ASP A 130 11.94 3.58 19.68
N VAL A 131 11.89 4.59 18.81
CA VAL A 131 10.75 5.48 18.75
C VAL A 131 9.45 4.72 18.44
N VAL A 132 9.46 4.00 17.32
CA VAL A 132 8.28 3.32 16.83
C VAL A 132 7.87 2.28 17.87
N ASN A 133 8.82 1.49 18.33
CA ASN A 133 8.55 0.50 19.34
C ASN A 133 7.86 1.05 20.59
N THR A 134 8.43 2.12 21.14
CA THR A 134 7.89 2.79 22.31
C THR A 134 6.49 3.33 22.04
N ASN A 135 6.30 3.98 20.90
CA ASN A 135 4.97 4.46 20.55
C ASN A 135 3.91 3.37 20.40
N LEU A 136 4.25 2.27 19.75
CA LEU A 136 3.30 1.17 19.64
C LEU A 136 3.03 0.49 20.97
N ASN A 137 4.03 0.35 21.81
CA ASN A 137 3.74 -0.18 23.13
C ASN A 137 2.75 0.71 23.92
N SER A 138 2.89 2.02 23.81
CA SER A 138 2.02 2.94 24.52
C SER A 138 0.62 2.89 23.94
N LEU A 139 0.50 2.84 22.62
CA LEU A 139 -0.79 2.67 21.99
C LEU A 139 -1.49 1.41 22.46
N TYR A 140 -0.74 0.32 22.51
CA TYR A 140 -1.31 -0.96 22.92
C TYR A 140 -1.71 -0.94 24.39
N ARG A 141 -0.85 -0.39 25.25
CA ARG A 141 -1.13 -0.26 26.68
C ARG A 141 -2.47 0.46 26.97
N LEU A 142 -2.62 1.65 26.39
CA LEU A 142 -3.79 2.43 26.64
C LEU A 142 -5.02 1.81 26.03
N SER A 143 -4.90 1.39 24.77
CA SER A 143 -6.04 0.80 24.05
C SER A 143 -6.58 -0.40 24.81
N LYS A 144 -5.67 -1.27 25.21
CA LYS A 144 -6.02 -2.50 25.93
C LYS A 144 -6.69 -2.24 27.29
N ALA A 145 -6.31 -1.15 27.94
CA ALA A 145 -6.90 -0.77 29.21
C ALA A 145 -8.33 -0.26 29.05
N VAL A 146 -8.59 0.56 28.03
CA VAL A 146 -9.92 1.14 27.83
C VAL A 146 -10.93 0.17 27.20
N LEU A 147 -10.46 -0.93 26.65
CA LEU A 147 -11.32 -1.86 25.93
C LEU A 147 -12.32 -2.54 26.79
N ARG A 148 -12.03 -2.69 28.07
CA ARG A 148 -12.99 -3.40 28.91
C ARG A 148 -14.28 -2.58 28.98
N GLY A 149 -14.15 -1.29 29.24
CA GLY A 149 -15.27 -0.37 29.27
C GLY A 149 -16.02 -0.37 27.97
N MET A 150 -15.29 -0.38 26.86
CA MET A 150 -15.93 -0.35 25.57
C MET A 150 -16.65 -1.68 25.28
N THR A 151 -16.00 -2.79 25.67
CA THR A 151 -16.54 -4.13 25.49
C THR A 151 -17.84 -4.30 26.26
N LYS A 152 -17.88 -3.83 27.48
CA LYS A 152 -19.11 -3.81 28.24
C LYS A 152 -20.22 -2.98 27.58
N ALA A 153 -19.89 -1.81 27.06
CA ALA A 153 -20.88 -0.93 26.42
C ALA A 153 -21.21 -1.35 25.00
N ARG A 154 -20.52 -2.36 24.50
CA ARG A 154 -20.69 -2.79 23.12
C ARG A 154 -20.61 -1.63 22.13
N TRP A 155 -19.74 -0.66 22.40
CA TRP A 155 -19.57 0.49 21.54
C TRP A 155 -18.23 1.12 21.85
N GLY A 156 -17.54 1.60 20.82
CA GLY A 156 -16.29 2.32 21.06
C GLY A 156 -15.66 3.00 19.86
N ARG A 157 -14.79 3.95 20.17
CA ARG A 157 -13.95 4.63 19.18
C ARG A 157 -12.55 4.85 19.71
N ILE A 158 -11.60 4.26 19.03
CA ILE A 158 -10.20 4.52 19.31
C ILE A 158 -9.63 5.14 18.05
N ILE A 159 -8.99 6.29 18.24
CA ILE A 159 -8.38 6.99 17.12
C ILE A 159 -6.92 7.32 17.46
N ASN A 160 -6.02 6.93 16.56
CA ASN A 160 -4.61 7.14 16.74
C ASN A 160 -4.02 8.23 15.83
N ILE A 161 -3.34 9.21 16.43
CA ILE A 161 -2.83 10.33 15.67
C ILE A 161 -1.37 10.08 15.39
N GLY A 162 -1.01 10.06 14.10
CA GLY A 162 0.35 9.89 13.70
C GLY A 162 1.13 11.17 13.89
N SER A 163 2.44 11.08 13.66
CA SER A 163 3.35 12.18 13.92
C SER A 163 3.40 13.13 12.74
N VAL A 164 3.59 14.41 13.03
CA VAL A 164 3.65 15.44 11.99
C VAL A 164 4.96 15.30 11.25
N VAL A 165 4.93 15.70 9.99
CA VAL A 165 6.11 15.52 9.15
C VAL A 165 7.18 16.45 9.72
N GLY A 166 8.18 15.87 10.39
CA GLY A 166 9.01 16.64 11.34
C GLY A 166 10.28 17.16 10.72
N ALA A 167 11.34 16.35 10.73
CA ALA A 167 12.62 16.70 10.12
C ALA A 167 12.57 16.69 8.58
N MET A 168 13.50 17.41 7.98
CA MET A 168 13.41 17.76 6.54
C MET A 168 13.84 16.66 5.57
N GLY A 169 14.68 15.73 6.05
CA GLY A 169 15.79 15.19 5.24
C GLY A 169 15.79 13.69 5.07
N ASN A 170 16.78 13.00 5.63
CA ASN A 170 16.95 11.54 5.51
C ASN A 170 16.52 10.73 6.75
N ALA A 171 17.29 10.82 7.82
CA ALA A 171 16.90 10.27 9.13
C ALA A 171 15.49 10.71 9.55
N GLY A 172 15.08 11.90 9.13
CA GLY A 172 13.73 12.39 9.34
C GLY A 172 12.70 11.70 8.47
N GLN A 173 13.05 11.40 7.22
CA GLN A 173 12.15 10.67 6.31
C GLN A 173 12.04 9.19 6.71
N THR A 174 13.12 8.63 7.27
CA THR A 174 13.14 7.26 7.75
C THR A 174 12.25 7.12 8.99
N ASN A 175 12.45 8.02 9.96
CA ASN A 175 11.64 8.04 11.17
C ASN A 175 10.18 8.21 10.81
N TYR A 176 9.87 9.18 9.94
CA TYR A 176 8.50 9.48 9.57
C TYR A 176 7.81 8.30 8.87
N ALA A 177 8.49 7.68 7.92
CA ALA A 177 7.91 6.56 7.19
C ALA A 177 7.74 5.36 8.09
N ALA A 178 8.74 5.10 8.93
CA ALA A 178 8.66 3.99 9.86
C ALA A 178 7.48 4.16 10.85
N ALA A 179 7.36 5.36 11.42
CA ALA A 179 6.29 5.64 12.35
C ALA A 179 4.96 5.47 11.67
N LYS A 180 4.82 5.97 10.46
CA LYS A 180 3.56 5.86 9.74
C LYS A 180 3.24 4.40 9.38
N ALA A 181 4.26 3.62 9.03
CA ALA A 181 4.01 2.22 8.64
C ALA A 181 3.58 1.42 9.88
N GLY A 182 4.27 1.66 10.99
CA GLY A 182 3.85 1.09 12.26
C GLY A 182 2.43 1.45 12.66
N LEU A 183 2.10 2.71 12.47
CA LEU A 183 0.78 3.17 12.84
C LEU A 183 -0.31 2.52 11.99
N GLU A 184 -0.08 2.44 10.68
CA GLU A 184 -1.04 1.75 9.80
C GLU A 184 -1.21 0.27 10.15
N GLY A 185 -0.12 -0.46 10.34
CA GLY A 185 -0.23 -1.89 10.56
C GLY A 185 -0.88 -2.21 11.90
N PHE A 186 -0.48 -1.45 12.91
CA PHE A 186 -1.05 -1.55 14.22
C PHE A 186 -2.54 -1.30 14.18
N THR A 187 -2.93 -0.20 13.58
CA THR A 187 -4.31 0.24 13.57
C THR A 187 -5.16 -0.80 12.87
N ARG A 188 -4.62 -1.34 11.79
CA ARG A 188 -5.35 -2.33 11.04
C ARG A 188 -5.54 -3.60 11.89
N ALA A 189 -4.52 -4.02 12.63
CA ALA A 189 -4.58 -5.28 13.38
C ALA A 189 -5.47 -5.19 14.61
N LEU A 190 -5.34 -4.09 15.36
CA LEU A 190 -6.20 -3.87 16.49
C LEU A 190 -7.65 -3.81 16.03
N ALA A 191 -7.93 -3.14 14.93
CA ALA A 191 -9.30 -3.07 14.40
C ALA A 191 -9.87 -4.47 14.20
N ARG A 192 -9.08 -5.40 13.69
CA ARG A 192 -9.54 -6.78 13.55
C ARG A 192 -9.85 -7.47 14.88
N GLU A 193 -9.02 -7.24 15.88
CA GLU A 193 -9.15 -7.88 17.14
C GLU A 193 -10.43 -7.44 17.85
N VAL A 194 -10.84 -6.17 17.68
CA VAL A 194 -11.97 -5.63 18.48
C VAL A 194 -13.25 -5.36 17.70
N GLY A 195 -13.23 -5.56 16.40
CA GLY A 195 -14.38 -5.29 15.55
C GLY A 195 -15.70 -5.95 15.95
N SER A 196 -15.67 -7.24 16.27
CA SER A 196 -16.90 -7.98 16.63
C SER A 196 -17.68 -7.27 17.76
N ARG A 197 -17.03 -6.38 18.49
CA ARG A 197 -17.66 -5.64 19.61
C ARG A 197 -18.15 -4.23 19.27
N ALA A 198 -18.26 -3.93 17.99
CA ALA A 198 -18.71 -2.61 17.54
C ALA A 198 -17.82 -1.50 18.09
N ILE A 199 -16.53 -1.80 18.12
CA ILE A 199 -15.51 -0.82 18.45
C ILE A 199 -14.68 -0.61 17.18
N THR A 200 -14.53 0.65 16.76
CA THR A 200 -13.79 0.96 15.54
C THR A 200 -12.46 1.53 15.92
N VAL A 201 -11.45 1.17 15.13
CA VAL A 201 -10.09 1.62 15.38
C VAL A 201 -9.54 2.21 14.13
N ASN A 202 -9.16 3.48 14.21
CA ASN A 202 -8.73 4.21 13.06
C ASN A 202 -7.56 5.10 13.37
N ALA A 203 -6.96 5.63 12.32
CA ALA A 203 -5.85 6.49 12.48
C ALA A 203 -5.92 7.71 11.57
N VAL A 204 -5.23 8.77 11.97
CA VAL A 204 -5.13 9.98 11.17
C VAL A 204 -3.66 10.24 10.97
N ALA A 205 -3.25 10.44 9.72
CA ALA A 205 -1.86 10.65 9.36
C ALA A 205 -1.65 12.08 8.87
N PRO A 206 -1.16 12.96 9.75
CA PRO A 206 -1.00 14.34 9.36
C PRO A 206 0.22 14.53 8.52
N GLY A 207 0.14 15.54 7.64
CA GLY A 207 1.24 15.99 6.81
C GLY A 207 1.87 17.16 7.52
N PHE A 208 1.95 18.31 6.85
CA PHE A 208 2.64 19.48 7.39
C PHE A 208 1.63 20.42 8.03
N ILE A 209 1.68 20.53 9.34
CA ILE A 209 0.65 21.24 10.08
C ILE A 209 1.28 22.40 10.77
N ASP A 210 0.63 23.56 10.67
CA ASP A 210 1.07 24.83 11.20
C ASP A 210 0.74 25.02 12.66
N THR A 211 1.72 25.43 13.48
CA THR A 211 1.45 25.83 14.87
C THR A 211 2.38 26.95 15.40
N GLN A 221 12.30 28.83 1.33
CA GLN A 221 12.51 27.68 2.23
C GLN A 221 11.19 27.14 2.81
N ARG A 222 10.43 28.01 3.46
CA ARG A 222 8.98 27.81 3.66
C ARG A 222 8.28 27.74 2.28
N GLU A 223 8.84 28.42 1.27
CA GLU A 223 8.36 28.35 -0.12
C GLU A 223 8.61 26.98 -0.81
N ALA A 224 9.78 26.39 -0.56
CA ALA A 224 10.09 25.06 -1.07
C ALA A 224 9.02 24.07 -0.64
N LEU A 225 8.77 24.02 0.66
CA LEU A 225 7.79 23.11 1.24
C LEU A 225 6.43 23.24 0.58
N LEU A 226 5.94 24.48 0.49
CA LEU A 226 4.63 24.71 -0.10
C LEU A 226 4.57 24.24 -1.55
N GLY A 227 5.70 24.23 -2.24
CA GLY A 227 5.79 23.71 -3.59
C GLY A 227 5.57 22.21 -3.68
N GLN A 228 5.88 21.49 -2.60
CA GLN A 228 5.63 20.03 -2.49
C GLN A 228 4.21 19.64 -2.04
N ILE A 229 3.37 20.64 -1.77
CA ILE A 229 2.01 20.40 -1.29
C ILE A 229 0.98 20.96 -2.30
N PRO A 230 0.23 20.06 -2.96
CA PRO A 230 -0.79 20.51 -3.91
C PRO A 230 -1.71 21.65 -3.45
N LEU A 231 -2.17 21.62 -2.20
CA LEU A 231 -3.03 22.72 -1.72
C LEU A 231 -2.25 24.01 -1.51
N GLY A 232 -0.92 23.96 -1.59
CA GLY A 232 -0.09 25.15 -1.50
C GLY A 232 -0.18 25.86 -0.16
N ARG A 233 -0.48 25.14 0.91
CA ARG A 233 -0.53 25.70 2.26
C ARG A 233 -0.36 24.64 3.32
N LEU A 234 0.00 25.06 4.51
CA LEU A 234 0.11 24.20 5.67
C LEU A 234 -1.28 23.92 6.21
N GLY A 235 -1.42 22.77 6.85
CA GLY A 235 -2.68 22.43 7.48
C GLY A 235 -2.76 23.13 8.82
N GLN A 236 -3.98 23.45 9.22
CA GLN A 236 -4.26 23.93 10.56
C GLN A 236 -4.51 22.72 11.47
N ALA A 237 -4.22 22.87 12.76
CA ALA A 237 -4.48 21.80 13.72
C ALA A 237 -5.98 21.47 13.79
N GLU A 238 -6.83 22.47 13.59
CA GLU A 238 -8.28 22.31 13.55
C GLU A 238 -8.74 21.36 12.41
N GLU A 239 -7.99 21.32 11.32
CA GLU A 239 -8.30 20.45 10.20
C GLU A 239 -8.00 19.00 10.50
N ILE A 240 -7.13 18.74 11.45
CA ILE A 240 -6.94 17.37 11.92
C ILE A 240 -8.09 17.02 12.86
N ALA A 241 -8.39 17.94 13.77
CA ALA A 241 -9.46 17.78 14.72
C ALA A 241 -10.82 17.53 14.08
N LYS A 242 -11.11 18.15 12.94
CA LYS A 242 -12.38 17.88 12.31
C LYS A 242 -12.48 16.42 11.85
N VAL A 243 -11.38 15.88 11.32
CA VAL A 243 -11.36 14.51 10.85
C VAL A 243 -11.53 13.54 12.03
N VAL A 244 -10.85 13.83 13.12
CA VAL A 244 -11.01 13.01 14.33
C VAL A 244 -12.46 13.06 14.82
N GLY A 245 -13.09 14.22 14.75
CA GLY A 245 -14.46 14.40 15.21
C GLY A 245 -15.42 13.59 14.39
N PHE A 246 -15.21 13.56 13.09
CA PHE A 246 -16.07 12.76 12.26
C PHE A 246 -15.93 11.28 12.64
N LEU A 247 -14.70 10.80 12.68
CA LEU A 247 -14.45 9.40 12.96
C LEU A 247 -15.02 8.96 14.28
N ALA A 248 -15.10 9.88 15.23
CA ALA A 248 -15.70 9.55 16.52
C ALA A 248 -17.21 9.47 16.46
N SER A 249 -17.82 9.95 15.38
CA SER A 249 -19.27 10.00 15.30
C SER A 249 -19.89 8.66 14.94
N ASP A 250 -21.21 8.62 14.97
CA ASP A 250 -21.99 7.43 14.57
C ASP A 250 -22.01 7.21 13.10
N GLY A 251 -21.79 8.27 12.33
CA GLY A 251 -21.70 8.14 10.88
C GLY A 251 -20.50 7.37 10.42
N ALA A 252 -19.44 7.35 11.22
CA ALA A 252 -18.20 6.63 10.83
C ALA A 252 -18.21 5.20 11.33
N ALA A 253 -19.40 4.69 11.66
CA ALA A 253 -19.41 3.41 12.36
C ALA A 253 -18.91 2.21 11.49
N TYR A 254 -18.97 2.30 10.16
CA TYR A 254 -18.49 1.20 9.31
C TYR A 254 -17.03 1.45 8.89
N VAL A 255 -16.43 2.55 9.36
CA VAL A 255 -15.06 2.83 9.02
C VAL A 255 -14.18 2.30 10.12
N THR A 256 -13.33 1.32 9.78
CA THR A 256 -12.42 0.77 10.76
C THR A 256 -11.23 0.10 10.12
N GLY A 257 -10.10 0.18 10.82
CA GLY A 257 -8.79 -0.20 10.30
C GLY A 257 -8.17 0.81 9.34
N ALA A 258 -8.79 1.99 9.21
CA ALA A 258 -8.39 2.96 8.22
C ALA A 258 -7.38 3.95 8.77
N THR A 259 -6.46 4.37 7.89
CA THR A 259 -5.61 5.52 8.17
C THR A 259 -5.94 6.66 7.21
N VAL A 260 -6.53 7.75 7.70
CA VAL A 260 -6.96 8.84 6.84
C VAL A 260 -5.86 9.84 6.77
N PRO A 261 -5.30 10.03 5.58
CA PRO A 261 -4.19 10.98 5.52
C PRO A 261 -4.78 12.36 5.38
N VAL A 262 -4.20 13.33 6.10
CA VAL A 262 -4.68 14.68 6.13
C VAL A 262 -3.46 15.57 5.90
N ASN A 263 -3.11 15.74 4.63
CA ASN A 263 -1.79 16.23 4.28
C ASN A 263 -1.80 17.09 3.03
N GLY A 264 -2.96 17.62 2.67
CA GLY A 264 -3.03 18.57 1.58
C GLY A 264 -2.56 18.01 0.26
N GLY A 265 -2.44 16.69 0.17
CA GLY A 265 -2.11 16.03 -1.07
C GLY A 265 -0.63 15.65 -1.21
N MET A 266 0.18 15.94 -0.20
CA MET A 266 1.57 15.57 -0.23
C MET A 266 1.77 14.21 0.41
N TYR A 267 2.16 13.22 -0.38
CA TYR A 267 2.36 11.85 0.15
C TYR A 267 3.82 11.40 0.16
N MET A 268 4.25 10.77 1.25
CA MET A 268 5.66 10.41 1.45
C MET A 268 5.80 9.07 2.19
N SER A 269 6.12 8.01 1.46
CA SER A 269 6.45 6.72 2.09
C SER A 269 7.90 6.32 1.78
N SER B 24 29.99 -13.82 -7.65
CA SER B 24 29.24 -15.00 -7.14
C SER B 24 29.11 -14.83 -5.61
N LEU B 25 28.62 -15.87 -4.92
CA LEU B 25 28.66 -15.92 -3.47
C LEU B 25 29.89 -16.66 -3.01
N GLN B 26 30.70 -17.12 -3.94
CA GLN B 26 31.89 -17.88 -3.63
C GLN B 26 32.71 -17.28 -2.49
N GLY B 27 33.09 -18.10 -1.51
CA GLY B 27 33.94 -17.64 -0.42
C GLY B 27 33.27 -16.71 0.56
N LYS B 28 32.03 -16.31 0.29
CA LYS B 28 31.32 -15.46 1.25
C LYS B 28 30.76 -16.34 2.32
N VAL B 29 30.60 -15.75 3.50
CA VAL B 29 30.08 -16.45 4.66
C VAL B 29 28.66 -15.96 4.90
N ALA B 30 27.73 -16.91 4.92
CA ALA B 30 26.34 -16.64 5.08
C ALA B 30 25.80 -17.25 6.37
N LEU B 31 25.12 -16.44 7.16
CA LEU B 31 24.43 -16.92 8.36
C LEU B 31 22.96 -17.04 8.06
N VAL B 32 22.40 -18.22 8.27
CA VAL B 32 21.00 -18.47 8.07
C VAL B 32 20.38 -18.98 9.38
N THR B 33 19.54 -18.17 10.00
CA THR B 33 18.91 -18.56 11.24
C THR B 33 17.72 -19.44 10.94
N GLY B 34 17.44 -20.40 11.84
CA GLY B 34 16.28 -21.28 11.72
C GLY B 34 16.43 -22.19 10.51
N ALA B 35 17.58 -22.82 10.38
CA ALA B 35 17.92 -23.53 9.16
C ALA B 35 17.67 -25.03 9.23
N SER B 36 17.04 -25.50 10.30
CA SER B 36 16.93 -26.95 10.51
C SER B 36 15.82 -27.60 9.70
N ARG B 37 14.80 -26.83 9.34
CA ARG B 37 13.61 -27.36 8.71
C ARG B 37 13.18 -26.49 7.53
N GLY B 38 12.41 -27.07 6.62
CA GLY B 38 11.65 -26.33 5.62
C GLY B 38 12.37 -25.22 4.87
N ILE B 39 11.81 -24.02 4.98
CA ILE B 39 12.30 -22.88 4.25
C ILE B 39 13.75 -22.55 4.61
N GLY B 40 14.05 -22.55 5.90
CA GLY B 40 15.42 -22.27 6.38
C GLY B 40 16.44 -23.26 5.86
N GLN B 41 16.10 -24.53 5.87
CA GLN B 41 17.00 -25.55 5.35
C GLN B 41 17.20 -25.34 3.84
N ALA B 42 16.11 -25.06 3.14
CA ALA B 42 16.19 -24.89 1.71
C ALA B 42 17.07 -23.69 1.36
N ILE B 43 16.97 -22.63 2.15
CA ILE B 43 17.84 -21.45 1.95
C ILE B 43 19.31 -21.77 2.19
N ALA B 44 19.60 -22.47 3.27
CA ALA B 44 21.01 -22.84 3.56
C ALA B 44 21.59 -23.66 2.43
N LEU B 45 20.80 -24.58 1.89
CA LEU B 45 21.27 -25.44 0.80
C LEU B 45 21.48 -24.67 -0.48
N GLU B 46 20.61 -23.70 -0.75
CA GLU B 46 20.70 -22.89 -1.97
C GLU B 46 21.87 -21.95 -1.91
N LEU B 47 22.07 -21.29 -0.76
CA LEU B 47 23.24 -20.44 -0.62
C LEU B 47 24.51 -21.26 -0.74
N GLY B 48 24.50 -22.47 -0.20
CA GLY B 48 25.65 -23.37 -0.28
C GLY B 48 25.91 -23.81 -1.71
N ARG B 49 24.84 -24.15 -2.41
CA ARG B 49 24.95 -24.54 -3.82
C ARG B 49 25.53 -23.39 -4.65
N LEU B 50 25.18 -22.15 -4.31
CA LEU B 50 25.76 -20.98 -4.96
C LEU B 50 27.19 -20.70 -4.51
N GLY B 51 27.73 -21.56 -3.65
CA GLY B 51 29.14 -21.48 -3.29
C GLY B 51 29.49 -20.74 -2.02
N ALA B 52 28.50 -20.37 -1.22
CA ALA B 52 28.79 -19.72 0.08
C ALA B 52 29.20 -20.75 1.10
N VAL B 53 29.96 -20.31 2.08
CA VAL B 53 30.18 -21.07 3.31
C VAL B 53 28.97 -20.77 4.20
N VAL B 54 28.24 -21.78 4.63
CA VAL B 54 26.97 -21.55 5.29
C VAL B 54 26.99 -21.92 6.76
N ILE B 55 26.59 -20.98 7.61
CA ILE B 55 26.35 -21.29 9.00
C ILE B 55 24.85 -21.24 9.22
N GLY B 56 24.26 -22.41 9.45
CA GLY B 56 22.84 -22.51 9.74
C GLY B 56 22.69 -22.56 11.25
N THR B 57 21.62 -21.97 11.80
CA THR B 57 21.39 -22.05 13.22
C THR B 57 20.06 -22.63 13.58
N ALA B 58 20.04 -23.20 14.79
CA ALA B 58 18.84 -23.66 15.46
C ALA B 58 18.91 -23.21 16.92
N THR B 59 17.80 -23.40 17.62
CA THR B 59 17.68 -23.05 19.03
C THR B 59 18.17 -24.15 19.98
N SER B 60 18.35 -25.37 19.44
CA SER B 60 18.79 -26.50 20.22
C SER B 60 20.00 -27.17 19.61
N ALA B 61 20.77 -27.82 20.48
CA ALA B 61 21.92 -28.63 20.09
C ALA B 61 21.56 -29.71 19.07
N SER B 62 20.39 -30.32 19.21
CA SER B 62 20.00 -31.39 18.29
C SER B 62 19.71 -30.82 16.89
N GLY B 63 19.08 -29.64 16.85
CA GLY B 63 18.84 -28.95 15.60
C GLY B 63 20.13 -28.55 14.88
N ALA B 64 21.10 -28.07 15.65
CA ALA B 64 22.39 -27.68 15.10
C ALA B 64 23.18 -28.86 14.51
N GLU B 65 23.15 -30.01 15.21
CA GLU B 65 23.83 -31.21 14.70
C GLU B 65 23.19 -31.63 13.40
N LYS B 66 21.86 -31.56 13.35
CA LYS B 66 21.14 -31.92 12.16
C LYS B 66 21.55 -31.03 10.99
N ILE B 67 21.64 -29.74 11.26
CA ILE B 67 22.06 -28.79 10.24
C ILE B 67 23.44 -29.16 9.68
N ALA B 68 24.40 -29.39 10.58
CA ALA B 68 25.74 -29.83 10.16
C ALA B 68 25.73 -31.09 9.32
N GLU B 69 24.91 -32.07 9.68
CA GLU B 69 24.81 -33.31 8.87
C GLU B 69 24.23 -33.07 7.49
N THR B 70 23.18 -32.25 7.43
CA THR B 70 22.53 -31.93 6.16
C THR B 70 23.49 -31.22 5.22
N LEU B 71 24.20 -30.23 5.73
CA LEU B 71 25.17 -29.52 4.92
C LEU B 71 26.24 -30.46 4.37
N LYS B 72 26.77 -31.32 5.25
CA LYS B 72 27.77 -32.32 4.84
C LYS B 72 27.20 -33.26 3.78
N ALA B 73 26.04 -33.84 4.05
CA ALA B 73 25.38 -34.70 3.08
C ALA B 73 25.27 -34.04 1.72
N ASN B 74 25.09 -32.71 1.69
CA ASN B 74 24.90 -31.98 0.42
C ASN B 74 26.16 -31.28 -0.09
N GLY B 75 27.32 -31.59 0.51
CA GLY B 75 28.61 -31.12 0.01
C GLY B 75 28.82 -29.64 0.21
N VAL B 76 28.22 -29.09 1.28
CA VAL B 76 28.32 -27.67 1.59
C VAL B 76 29.27 -27.45 2.77
N GLU B 77 30.25 -26.58 2.57
CA GLU B 77 31.15 -26.17 3.65
C GLU B 77 30.41 -25.24 4.60
N GLY B 78 30.72 -25.34 5.89
CA GLY B 78 30.08 -24.52 6.90
C GLY B 78 29.88 -25.22 8.22
N ALA B 79 28.77 -24.96 8.88
CA ALA B 79 28.53 -25.47 10.24
C ALA B 79 27.11 -25.23 10.69
N GLY B 80 26.70 -25.95 11.72
CA GLY B 80 25.45 -25.68 12.42
C GLY B 80 25.75 -25.24 13.82
N LEU B 81 25.10 -24.19 14.27
CA LEU B 81 25.31 -23.65 15.62
C LEU B 81 24.02 -23.39 16.35
N VAL B 82 24.14 -23.21 17.67
CA VAL B 82 23.01 -22.93 18.52
C VAL B 82 22.92 -21.44 18.73
N LEU B 83 21.75 -20.90 18.50
CA LEU B 83 21.56 -19.47 18.58
C LEU B 83 20.15 -19.14 19.05
N ASP B 84 20.09 -18.26 20.05
CA ASP B 84 18.82 -17.73 20.50
C ASP B 84 18.81 -16.27 20.09
N VAL B 85 18.04 -15.97 19.05
CA VAL B 85 17.96 -14.60 18.55
C VAL B 85 17.31 -13.66 19.54
N SER B 86 16.66 -14.17 20.59
CA SER B 86 16.08 -13.29 21.62
C SER B 86 17.04 -12.83 22.73
N SER B 87 18.30 -13.29 22.71
CA SER B 87 19.28 -13.02 23.79
C SER B 87 20.55 -12.34 23.27
N ASP B 88 20.85 -11.15 23.77
CA ASP B 88 22.06 -10.42 23.36
C ASP B 88 23.38 -11.20 23.58
N GLU B 89 23.47 -11.91 24.71
CA GLU B 89 24.61 -12.76 24.97
C GLU B 89 24.77 -13.81 23.87
N SER B 90 23.72 -14.58 23.61
CA SER B 90 23.80 -15.67 22.61
C SER B 90 24.23 -15.15 21.24
N VAL B 91 23.64 -14.03 20.84
CA VAL B 91 23.98 -13.38 19.59
C VAL B 91 25.46 -12.97 19.56
N ALA B 92 25.89 -12.21 20.58
CA ALA B 92 27.29 -11.77 20.66
C ALA B 92 28.24 -12.95 20.62
N ALA B 93 27.90 -14.02 21.34
CA ALA B 93 28.78 -15.18 21.48
C ALA B 93 28.90 -15.92 20.18
N THR B 94 27.75 -16.19 19.57
CA THR B 94 27.70 -16.89 18.30
C THR B 94 28.47 -16.12 17.22
N LEU B 95 28.32 -14.80 17.18
CA LEU B 95 29.08 -14.01 16.19
C LEU B 95 30.57 -14.12 16.38
N GLU B 96 31.03 -13.92 17.61
CA GLU B 96 32.44 -14.06 17.96
C GLU B 96 32.97 -15.43 17.50
N HIS B 97 32.23 -16.48 17.83
CA HIS B 97 32.58 -17.85 17.41
C HIS B 97 32.76 -17.94 15.90
N ILE B 98 31.86 -17.32 15.16
CA ILE B 98 31.90 -17.38 13.71
C ILE B 98 33.15 -16.68 13.16
N GLN B 99 33.46 -15.49 13.68
CA GLN B 99 34.66 -14.76 13.31
C GLN B 99 35.93 -15.54 13.66
N GLN B 100 35.99 -16.03 14.88
CA GLN B 100 37.08 -16.92 15.32
C GLN B 100 37.40 -17.95 14.22
N HIS B 101 36.44 -18.82 13.88
CA HIS B 101 36.73 -20.02 13.06
C HIS B 101 36.48 -19.87 11.56
N LEU B 102 35.62 -18.93 11.13
CA LEU B 102 35.16 -18.94 9.72
C LEU B 102 35.17 -17.62 8.96
N GLY B 103 35.29 -16.49 9.63
CA GLY B 103 35.23 -15.19 8.97
C GLY B 103 33.93 -14.46 9.28
N GLN B 104 33.88 -13.18 8.93
CA GLN B 104 32.68 -12.36 9.14
C GLN B 104 31.55 -12.75 8.19
N PRO B 105 30.34 -12.97 8.73
CA PRO B 105 29.22 -13.34 7.85
C PRO B 105 28.68 -12.06 7.23
N LEU B 106 28.76 -11.96 5.90
CA LEU B 106 28.37 -10.75 5.17
C LEU B 106 27.00 -10.95 4.50
N ILE B 107 26.51 -12.18 4.51
CA ILE B 107 25.16 -12.49 4.13
C ILE B 107 24.41 -13.04 5.36
N VAL B 108 23.32 -12.41 5.75
CA VAL B 108 22.54 -12.86 6.87
C VAL B 108 21.08 -13.00 6.50
N VAL B 109 20.54 -14.20 6.68
CA VAL B 109 19.14 -14.45 6.42
C VAL B 109 18.41 -14.72 7.72
N ASN B 110 17.50 -13.83 8.09
CA ASN B 110 16.72 -14.00 9.32
C ASN B 110 15.46 -14.74 9.02
N ASN B 111 15.43 -15.99 9.45
CA ASN B 111 14.27 -16.83 9.19
C ASN B 111 13.60 -17.27 10.49
N ALA B 112 14.36 -17.30 11.58
CA ALA B 112 13.83 -17.68 12.91
C ALA B 112 12.70 -16.81 13.49
N GLY B 113 11.45 -17.29 13.53
CA GLY B 113 10.35 -16.61 14.23
C GLY B 113 9.52 -17.53 15.12
N LYS B 124 -7.60 -16.20 20.43
CA LYS B 124 -6.67 -16.41 19.30
C LYS B 124 -6.42 -15.13 18.44
N ASP B 125 -7.44 -14.28 18.30
CA ASP B 125 -7.34 -13.09 17.43
C ASP B 125 -6.47 -11.95 17.97
N ASP B 126 -5.82 -12.19 19.09
CA ASP B 126 -5.20 -11.21 19.89
C ASP B 126 -3.82 -11.64 20.38
N GLU B 127 -3.11 -12.50 19.64
CA GLU B 127 -1.68 -12.83 19.85
C GLU B 127 -0.71 -12.07 18.92
N TRP B 128 -1.31 -11.24 18.11
CA TRP B 128 -0.61 -10.58 17.05
C TRP B 128 0.44 -9.61 17.54
N PHE B 129 0.12 -8.83 18.57
CA PHE B 129 1.01 -7.79 19.00
C PHE B 129 2.30 -8.35 19.58
N ASP B 130 2.19 -9.33 20.45
CA ASP B 130 3.37 -9.97 21.02
C ASP B 130 4.28 -10.66 19.99
N VAL B 131 3.65 -11.35 19.05
CA VAL B 131 4.40 -12.05 18.02
C VAL B 131 5.26 -11.08 17.21
N VAL B 132 4.59 -10.05 16.68
CA VAL B 132 5.26 -9.13 15.79
C VAL B 132 6.34 -8.42 16.57
N ASN B 133 5.97 -7.91 17.74
CA ASN B 133 6.95 -7.23 18.59
C ASN B 133 8.22 -8.07 18.84
N THR B 134 8.03 -9.31 19.25
CA THR B 134 9.15 -10.21 19.51
C THR B 134 9.99 -10.46 18.26
N ASN B 135 9.34 -10.75 17.15
CA ASN B 135 10.06 -10.92 15.88
C ASN B 135 10.86 -9.69 15.42
N LEU B 136 10.31 -8.51 15.55
CA LEU B 136 11.07 -7.34 15.19
C LEU B 136 12.26 -7.06 16.14
N ASN B 137 12.08 -7.30 17.43
CA ASN B 137 13.18 -7.07 18.35
C ASN B 137 14.32 -8.01 18.05
N SER B 138 14.01 -9.24 17.66
CA SER B 138 15.04 -10.21 17.28
C SER B 138 15.72 -9.85 15.95
N LEU B 139 14.95 -9.42 14.95
CA LEU B 139 15.54 -8.95 13.71
C LEU B 139 16.50 -7.81 13.96
N TYR B 140 16.10 -6.88 14.83
CA TYR B 140 16.92 -5.70 15.10
C TYR B 140 18.20 -6.09 15.82
N ARG B 141 18.06 -6.95 16.84
CA ARG B 141 19.19 -7.43 17.61
C ARG B 141 20.27 -8.08 16.72
N LEU B 142 19.87 -9.04 15.91
CA LEU B 142 20.80 -9.72 15.03
C LEU B 142 21.40 -8.81 13.97
N SER B 143 20.55 -8.06 13.31
CA SER B 143 20.98 -7.18 12.23
C SER B 143 22.03 -6.21 12.73
N LYS B 144 21.73 -5.56 13.85
CA LYS B 144 22.62 -4.56 14.47
C LYS B 144 23.97 -5.15 14.87
N ALA B 145 23.98 -6.40 15.27
CA ALA B 145 25.20 -7.08 15.65
C ALA B 145 26.09 -7.37 14.45
N VAL B 146 25.51 -7.84 13.34
CA VAL B 146 26.28 -8.23 12.16
C VAL B 146 26.71 -7.04 11.31
N LEU B 147 26.15 -5.86 11.58
CA LEU B 147 26.46 -4.67 10.79
C LEU B 147 27.88 -4.18 10.90
N ARG B 148 28.52 -4.42 12.04
CA ARG B 148 29.88 -3.89 12.25
C ARG B 148 30.79 -4.56 11.23
N GLY B 149 30.68 -5.89 11.12
CA GLY B 149 31.42 -6.63 10.12
C GLY B 149 31.13 -6.19 8.68
N MET B 150 29.87 -5.94 8.37
CA MET B 150 29.49 -5.53 7.04
C MET B 150 29.96 -4.11 6.77
N THR B 151 29.87 -3.24 7.79
CA THR B 151 30.35 -1.86 7.71
C THR B 151 31.85 -1.79 7.43
N LYS B 152 32.64 -2.59 8.14
CA LYS B 152 34.08 -2.72 7.86
C LYS B 152 34.37 -3.22 6.45
N ALA B 153 33.61 -4.20 5.95
CA ALA B 153 33.82 -4.72 4.59
C ALA B 153 33.20 -3.85 3.49
N ARG B 154 32.49 -2.78 3.87
CA ARG B 154 31.70 -1.95 2.93
C ARG B 154 30.91 -2.82 1.92
N TRP B 155 30.31 -3.91 2.41
CA TRP B 155 29.52 -4.78 1.57
C TRP B 155 28.63 -5.63 2.47
N GLY B 156 27.39 -5.87 2.06
CA GLY B 156 26.52 -6.71 2.87
C GLY B 156 25.16 -7.05 2.30
N ARG B 157 24.56 -8.12 2.82
CA ARG B 157 23.22 -8.58 2.47
C ARG B 157 22.47 -9.08 3.68
N ILE B 158 21.38 -8.41 4.02
CA ILE B 158 20.51 -8.86 5.07
C ILE B 158 19.19 -9.15 4.42
N ILE B 159 18.70 -10.36 4.62
CA ILE B 159 17.42 -10.78 4.02
C ILE B 159 16.53 -11.38 5.09
N ASN B 160 15.33 -10.81 5.21
CA ASN B 160 14.35 -11.22 6.22
C ASN B 160 13.21 -12.04 5.64
N ILE B 161 12.99 -13.21 6.19
CA ILE B 161 11.95 -14.10 5.68
C ILE B 161 10.72 -13.93 6.53
N GLY B 162 9.58 -13.62 5.91
CA GLY B 162 8.34 -13.49 6.62
C GLY B 162 7.77 -14.85 6.91
N SER B 163 6.66 -14.85 7.64
CA SER B 163 6.02 -16.09 8.07
C SER B 163 5.07 -16.60 7.01
N VAL B 164 4.88 -17.92 6.97
CA VAL B 164 3.91 -18.48 6.04
C VAL B 164 2.52 -18.31 6.61
N VAL B 165 1.49 -18.49 5.78
CA VAL B 165 0.14 -18.35 6.31
C VAL B 165 -0.05 -19.61 7.14
N GLY B 166 0.02 -19.48 8.46
CA GLY B 166 0.39 -20.61 9.32
C GLY B 166 -0.84 -21.35 9.81
N ALA B 167 -1.45 -20.83 10.86
CA ALA B 167 -2.85 -21.10 11.18
C ALA B 167 -3.79 -20.39 10.17
N MET B 168 -5.07 -20.75 10.19
CA MET B 168 -6.04 -20.13 9.29
C MET B 168 -7.35 -19.67 9.92
N GLY B 169 -8.27 -19.26 9.04
CA GLY B 169 -9.45 -18.55 9.40
C GLY B 169 -9.11 -17.09 9.59
N ASN B 170 -9.38 -16.57 10.80
CA ASN B 170 -9.34 -15.12 11.08
C ASN B 170 -8.11 -14.63 11.86
N ALA B 171 -7.98 -15.11 13.09
CA ALA B 171 -6.79 -14.86 13.90
C ALA B 171 -5.50 -15.16 13.16
N GLY B 172 -5.54 -16.14 12.24
CA GLY B 172 -4.42 -16.47 11.38
C GLY B 172 -4.18 -15.43 10.31
N GLN B 173 -5.26 -14.87 9.75
CA GLN B 173 -5.15 -13.79 8.78
C GLN B 173 -4.69 -12.47 9.43
N THR B 174 -5.08 -12.25 10.68
CA THR B 174 -4.69 -11.05 11.42
C THR B 174 -3.21 -11.11 11.78
N ASN B 175 -2.79 -12.23 12.33
CA ASN B 175 -1.37 -12.45 12.64
C ASN B 175 -0.52 -12.34 11.38
N TYR B 176 -0.95 -12.98 10.30
CA TYR B 176 -0.19 -12.95 9.07
C TYR B 176 -0.05 -11.54 8.51
N ALA B 177 -1.14 -10.79 8.47
CA ALA B 177 -1.10 -9.45 7.90
C ALA B 177 -0.28 -8.54 8.76
N ALA B 178 -0.44 -8.67 10.07
CA ALA B 178 0.34 -7.84 10.98
C ALA B 178 1.85 -8.12 10.86
N ALA B 179 2.21 -9.40 10.83
CA ALA B 179 3.61 -9.79 10.73
C ALA B 179 4.19 -9.28 9.45
N LYS B 180 3.44 -9.42 8.36
CA LYS B 180 3.92 -8.92 7.09
C LYS B 180 4.07 -7.39 7.06
N ALA B 181 3.16 -6.67 7.70
CA ALA B 181 3.25 -5.20 7.68
C ALA B 181 4.48 -4.76 8.49
N GLY B 182 4.68 -5.39 9.63
CA GLY B 182 5.86 -5.15 10.45
C GLY B 182 7.16 -5.46 9.73
N LEU B 183 7.14 -6.56 9.01
CA LEU B 183 8.29 -6.92 8.23
C LEU B 183 8.62 -5.90 7.12
N GLU B 184 7.61 -5.45 6.38
CA GLU B 184 7.81 -4.45 5.32
C GLU B 184 8.33 -3.14 5.86
N GLY B 185 7.72 -2.62 6.93
CA GLY B 185 8.15 -1.32 7.47
C GLY B 185 9.55 -1.38 8.03
N PHE B 186 9.82 -2.42 8.79
CA PHE B 186 11.13 -2.64 9.38
C PHE B 186 12.21 -2.75 8.34
N THR B 187 11.96 -3.59 7.35
CA THR B 187 12.90 -3.81 6.25
C THR B 187 13.19 -2.52 5.51
N ARG B 188 12.15 -1.75 5.29
CA ARG B 188 12.30 -0.53 4.56
C ARG B 188 13.15 0.47 5.35
N ALA B 189 12.94 0.54 6.67
CA ALA B 189 13.64 1.53 7.50
C ALA B 189 15.11 1.17 7.69
N LEU B 190 15.37 -0.09 7.96
CA LEU B 190 16.73 -0.51 8.15
C LEU B 190 17.50 -0.30 6.86
N ALA B 191 16.88 -0.58 5.73
CA ALA B 191 17.56 -0.34 4.46
C ALA B 191 18.00 1.10 4.32
N ARG B 192 17.16 2.04 4.73
CA ARG B 192 17.58 3.45 4.70
C ARG B 192 18.79 3.76 5.61
N GLU B 193 18.79 3.18 6.80
CA GLU B 193 19.83 3.45 7.78
C GLU B 193 21.20 2.97 7.28
N VAL B 194 21.28 1.86 6.55
CA VAL B 194 22.57 1.20 6.24
C VAL B 194 23.00 1.30 4.78
N GLY B 195 22.15 1.89 3.94
CA GLY B 195 22.42 1.98 2.52
C GLY B 195 23.76 2.61 2.14
N SER B 196 24.10 3.75 2.75
CA SER B 196 25.34 4.45 2.41
C SER B 196 26.58 3.54 2.49
N ARG B 197 26.46 2.41 3.19
CA ARG B 197 27.56 1.47 3.32
C ARG B 197 27.54 0.28 2.37
N ALA B 198 26.75 0.37 1.31
CA ALA B 198 26.64 -0.74 0.32
C ALA B 198 26.22 -2.04 0.98
N ILE B 199 25.30 -1.91 1.91
CA ILE B 199 24.61 -3.03 2.52
C ILE B 199 23.14 -2.93 2.13
N THR B 200 22.60 -4.01 1.58
CA THR B 200 21.20 -4.02 1.16
C THR B 200 20.37 -4.82 2.16
N VAL B 201 19.15 -4.35 2.39
CA VAL B 201 18.25 -5.01 3.28
C VAL B 201 16.94 -5.24 2.59
N ASN B 202 16.58 -6.50 2.49
CA ASN B 202 15.41 -6.91 1.78
C ASN B 202 14.65 -7.98 2.51
N ALA B 203 13.44 -8.23 2.04
CA ALA B 203 12.57 -9.21 2.67
C ALA B 203 11.88 -10.06 1.62
N VAL B 204 11.47 -11.25 2.05
CA VAL B 204 10.72 -12.16 1.22
C VAL B 204 9.47 -12.54 1.97
N ALA B 205 8.32 -12.41 1.33
CA ALA B 205 7.02 -12.62 1.95
C ALA B 205 6.38 -13.83 1.32
N PRO B 206 6.50 -14.98 2.00
CA PRO B 206 5.93 -16.17 1.44
C PRO B 206 4.42 -16.18 1.63
N GLY B 207 3.75 -16.83 0.69
CA GLY B 207 2.32 -17.10 0.78
C GLY B 207 2.12 -18.48 1.37
N PHE B 208 1.49 -19.36 0.61
CA PHE B 208 1.23 -20.69 1.07
C PHE B 208 2.29 -21.63 0.55
N ILE B 209 3.12 -22.12 1.45
CA ILE B 209 4.20 -22.99 1.09
C ILE B 209 3.87 -24.38 1.63
N ASP B 210 4.34 -25.39 0.91
CA ASP B 210 4.12 -26.78 1.31
C ASP B 210 4.95 -27.09 2.57
N THR B 211 4.28 -27.08 3.73
CA THR B 211 4.89 -27.32 5.04
C THR B 211 4.00 -28.16 5.95
N ASP B 212 4.52 -28.50 7.12
CA ASP B 212 3.80 -29.32 8.10
C ASP B 212 2.40 -28.83 8.39
N MET B 213 2.26 -27.54 8.68
CA MET B 213 0.93 -27.01 8.97
C MET B 213 0.00 -27.11 7.74
N THR B 214 0.57 -26.93 6.55
CA THR B 214 -0.25 -26.82 5.33
C THR B 214 -0.61 -28.18 4.74
N ARG B 215 0.22 -29.20 4.99
CA ARG B 215 -0.09 -30.56 4.58
C ARG B 215 -1.25 -31.17 5.34
N GLU B 216 -1.52 -30.66 6.53
CA GLU B 216 -2.42 -31.33 7.49
C GLU B 216 -3.91 -30.94 7.45
N LEU B 217 -4.27 -29.89 6.70
CA LEU B 217 -5.67 -29.41 6.69
C LEU B 217 -6.60 -30.28 5.81
N PRO B 218 -7.90 -30.39 6.17
CA PRO B 218 -8.90 -31.21 5.42
C PRO B 218 -9.01 -30.96 3.91
N GLU B 219 -9.49 -31.93 3.10
CA GLU B 219 -9.59 -31.74 1.64
C GLU B 219 -10.38 -30.48 1.19
N ALA B 220 -11.41 -30.11 1.95
CA ALA B 220 -12.23 -28.92 1.63
C ALA B 220 -11.42 -27.65 1.83
N GLN B 221 -10.70 -27.58 2.94
CA GLN B 221 -9.72 -26.52 3.20
C GLN B 221 -8.72 -26.38 2.05
N ARG B 222 -8.13 -27.50 1.63
CA ARG B 222 -7.12 -27.50 0.57
C ARG B 222 -7.66 -26.94 -0.72
N GLU B 223 -8.86 -27.37 -1.07
CA GLU B 223 -9.50 -26.95 -2.29
C GLU B 223 -9.87 -25.46 -2.27
N ALA B 224 -10.45 -25.02 -1.17
CA ALA B 224 -10.77 -23.61 -0.96
C ALA B 224 -9.52 -22.77 -1.15
N LEU B 225 -8.46 -23.13 -0.41
CA LEU B 225 -7.18 -22.42 -0.48
C LEU B 225 -6.63 -22.30 -1.90
N LEU B 226 -6.55 -23.42 -2.61
CA LEU B 226 -6.05 -23.41 -3.99
C LEU B 226 -6.91 -22.51 -4.88
N GLY B 227 -8.19 -22.34 -4.55
CA GLY B 227 -9.07 -21.44 -5.29
C GLY B 227 -8.72 -19.99 -5.12
N GLN B 228 -8.10 -19.65 -3.99
CA GLN B 228 -7.61 -18.29 -3.74
C GLN B 228 -6.23 -17.99 -4.36
N ILE B 229 -5.60 -18.99 -4.95
CA ILE B 229 -4.25 -18.83 -5.48
C ILE B 229 -4.25 -18.97 -6.98
N PRO B 230 -4.04 -17.88 -7.69
CA PRO B 230 -4.03 -17.92 -9.16
C PRO B 230 -3.19 -19.04 -9.78
N LEU B 231 -2.02 -19.35 -9.25
CA LEU B 231 -1.26 -20.48 -9.79
C LEU B 231 -1.89 -21.84 -9.52
N GLY B 232 -2.90 -21.88 -8.65
CA GLY B 232 -3.61 -23.13 -8.35
C GLY B 232 -2.74 -24.19 -7.71
N ARG B 233 -1.70 -23.80 -6.98
CA ARG B 233 -0.87 -24.76 -6.26
C ARG B 233 -0.15 -24.08 -5.10
N LEU B 234 0.34 -24.88 -4.18
CA LEU B 234 1.22 -24.41 -3.10
C LEU B 234 2.64 -24.15 -3.60
N GLY B 235 3.36 -23.25 -2.93
CA GLY B 235 4.76 -23.03 -3.23
C GLY B 235 5.62 -24.08 -2.59
N GLN B 236 6.76 -24.39 -3.23
CA GLN B 236 7.78 -25.25 -2.65
C GLN B 236 8.75 -24.38 -1.88
N ALA B 237 9.39 -24.93 -0.85
CA ALA B 237 10.37 -24.19 -0.08
C ALA B 237 11.54 -23.72 -0.95
N GLU B 238 11.89 -24.52 -1.94
CA GLU B 238 12.97 -24.21 -2.90
C GLU B 238 12.69 -22.93 -3.66
N GLU B 239 11.41 -22.65 -3.90
CA GLU B 239 11.00 -21.46 -4.62
C GLU B 239 11.17 -20.21 -3.79
N ILE B 240 11.20 -20.35 -2.47
CA ILE B 240 11.59 -19.22 -1.61
C ILE B 240 13.08 -19.05 -1.62
N ALA B 241 13.79 -20.16 -1.47
CA ALA B 241 15.24 -20.17 -1.50
C ALA B 241 15.82 -19.55 -2.76
N LYS B 242 15.21 -19.79 -3.92
CA LYS B 242 15.78 -19.24 -5.17
C LYS B 242 15.72 -17.70 -5.15
N VAL B 243 14.65 -17.14 -4.60
CA VAL B 243 14.53 -15.69 -4.47
C VAL B 243 15.57 -15.14 -3.49
N VAL B 244 15.75 -15.81 -2.36
CA VAL B 244 16.77 -15.38 -1.43
C VAL B 244 18.14 -15.39 -2.08
N GLY B 245 18.43 -16.44 -2.86
CA GLY B 245 19.73 -16.58 -3.50
C GLY B 245 20.00 -15.45 -4.48
N PHE B 246 18.99 -15.07 -5.25
CA PHE B 246 19.14 -13.93 -6.16
C PHE B 246 19.44 -12.63 -5.42
N LEU B 247 18.64 -12.34 -4.40
CA LEU B 247 18.85 -11.14 -3.56
C LEU B 247 20.21 -11.08 -2.88
N ALA B 248 20.80 -12.22 -2.56
CA ALA B 248 22.15 -12.25 -1.97
C ALA B 248 23.25 -12.01 -3.00
N SER B 249 22.93 -12.09 -4.27
CA SER B 249 23.92 -11.94 -5.34
C SER B 249 24.29 -10.49 -5.61
N ASP B 250 25.32 -10.31 -6.42
CA ASP B 250 25.79 -8.99 -6.87
C ASP B 250 24.81 -8.34 -7.82
N GLY B 251 24.05 -9.14 -8.55
CA GLY B 251 23.04 -8.59 -9.42
C GLY B 251 21.91 -7.82 -8.70
N ALA B 252 21.66 -8.14 -7.44
CA ALA B 252 20.59 -7.50 -6.70
C ALA B 252 21.14 -6.32 -5.94
N ALA B 253 22.31 -5.82 -6.31
CA ALA B 253 22.94 -4.80 -5.50
C ALA B 253 22.16 -3.46 -5.43
N TYR B 254 21.34 -3.14 -6.42
CA TYR B 254 20.57 -1.88 -6.36
C TYR B 254 19.15 -2.12 -5.78
N VAL B 255 18.87 -3.35 -5.36
CA VAL B 255 17.60 -3.68 -4.77
C VAL B 255 17.75 -3.61 -3.29
N THR B 256 17.02 -2.69 -2.67
CA THR B 256 17.05 -2.58 -1.21
C THR B 256 15.81 -1.90 -0.68
N GLY B 257 15.43 -2.31 0.54
CA GLY B 257 14.18 -1.91 1.16
C GLY B 257 12.98 -2.62 0.61
N ALA B 258 13.18 -3.64 -0.21
CA ALA B 258 12.10 -4.28 -0.94
C ALA B 258 11.58 -5.47 -0.19
N THR B 259 10.29 -5.72 -0.32
CA THR B 259 9.73 -6.99 0.10
C THR B 259 9.21 -7.71 -1.12
N VAL B 260 9.82 -8.81 -1.49
CA VAL B 260 9.40 -9.55 -2.69
C VAL B 260 8.38 -10.61 -2.27
N PRO B 261 7.13 -10.49 -2.74
CA PRO B 261 6.14 -11.48 -2.35
C PRO B 261 6.27 -12.69 -3.23
N VAL B 262 6.18 -13.87 -2.63
CA VAL B 262 6.38 -15.12 -3.31
C VAL B 262 5.22 -15.99 -2.89
N ASN B 263 4.09 -15.78 -3.56
CA ASN B 263 2.84 -16.24 -3.07
C ASN B 263 1.89 -16.68 -4.13
N GLY B 264 2.42 -16.98 -5.32
CA GLY B 264 1.59 -17.53 -6.40
C GLY B 264 0.44 -16.64 -6.80
N GLY B 265 0.49 -15.37 -6.38
CA GLY B 265 -0.51 -14.39 -6.83
C GLY B 265 -1.62 -14.14 -5.85
N MET B 266 -1.56 -14.78 -4.68
CA MET B 266 -2.58 -14.53 -3.65
C MET B 266 -2.13 -13.48 -2.65
N TYR B 267 -2.79 -12.33 -2.63
CA TYR B 267 -2.39 -11.20 -1.79
C TYR B 267 -3.41 -10.91 -0.69
N MET B 268 -2.91 -10.72 0.51
CA MET B 268 -3.76 -10.59 1.71
C MET B 268 -3.12 -9.60 2.68
N SER B 269 -3.65 -8.39 2.76
CA SER B 269 -3.13 -7.38 3.68
C SER B 269 -4.20 -6.96 4.68
N MET C 23 18.46 -21.24 -13.67
CA MET C 23 18.77 -19.95 -14.39
C MET C 23 18.91 -20.00 -15.91
N SER C 24 19.11 -21.17 -16.50
CA SER C 24 19.13 -21.29 -17.95
C SER C 24 17.78 -20.89 -18.62
N LEU C 25 17.85 -19.98 -19.59
CA LEU C 25 16.72 -19.69 -20.48
C LEU C 25 16.95 -20.30 -21.84
N GLN C 26 17.93 -21.21 -21.91
CA GLN C 26 18.14 -22.04 -23.08
C GLN C 26 16.86 -22.59 -23.63
N GLY C 27 16.72 -22.54 -24.94
CA GLY C 27 15.56 -23.11 -25.61
C GLY C 27 14.34 -22.21 -25.63
N LYS C 28 14.47 -20.97 -25.12
CA LYS C 28 13.35 -20.02 -25.14
C LYS C 28 13.57 -18.77 -25.98
N VAL C 29 12.46 -18.25 -26.45
CA VAL C 29 12.44 -17.06 -27.28
C VAL C 29 11.86 -15.91 -26.47
N ALA C 30 12.63 -14.83 -26.39
CA ALA C 30 12.28 -13.67 -25.59
C ALA C 30 12.10 -12.41 -26.44
N LEU C 31 10.96 -11.75 -26.28
CA LEU C 31 10.69 -10.50 -26.98
C LEU C 31 10.89 -9.34 -26.01
N VAL C 32 11.76 -8.41 -26.36
CA VAL C 32 12.08 -7.27 -25.49
C VAL C 32 11.84 -5.99 -26.27
N THR C 33 10.75 -5.27 -25.92
CA THR C 33 10.40 -4.06 -26.64
C THR C 33 11.30 -2.96 -26.14
N GLY C 34 11.64 -2.02 -27.05
CA GLY C 34 12.41 -0.84 -26.68
C GLY C 34 13.80 -1.24 -26.28
N ALA C 35 14.45 -2.04 -27.11
CA ALA C 35 15.72 -2.65 -26.75
C ALA C 35 16.95 -1.95 -27.31
N SER C 36 16.76 -0.77 -27.90
CA SER C 36 17.87 -0.13 -28.60
CA SER C 36 17.85 -0.10 -28.58
C SER C 36 18.82 0.61 -27.68
N ARG C 37 18.33 1.10 -26.55
CA ARG C 37 19.15 1.90 -25.65
C ARG C 37 18.95 1.43 -24.20
N GLY C 38 19.90 1.81 -23.36
CA GLY C 38 19.77 1.74 -21.93
C GLY C 38 19.24 0.45 -21.35
N ILE C 39 18.17 0.58 -20.59
CA ILE C 39 17.61 -0.53 -19.84
C ILE C 39 17.16 -1.67 -20.76
N GLY C 40 16.48 -1.33 -21.84
CA GLY C 40 16.03 -2.30 -22.83
C GLY C 40 17.17 -3.06 -23.45
N GLN C 41 18.25 -2.38 -23.78
CA GLN C 41 19.40 -3.05 -24.34
C GLN C 41 20.04 -3.99 -23.31
N ALA C 42 20.14 -3.50 -22.10
CA ALA C 42 20.76 -4.28 -21.05
C ALA C 42 19.94 -5.55 -20.76
N ILE C 43 18.60 -5.42 -20.80
CA ILE C 43 17.73 -6.60 -20.65
C ILE C 43 17.94 -7.60 -21.80
N ALA C 44 18.00 -7.13 -23.03
CA ALA C 44 18.20 -8.03 -24.18
C ALA C 44 19.50 -8.79 -24.08
N LEU C 45 20.56 -8.09 -23.67
CA LEU C 45 21.87 -8.71 -23.49
C LEU C 45 21.90 -9.73 -22.35
N GLU C 46 21.21 -9.43 -21.25
CA GLU C 46 21.15 -10.32 -20.10
C GLU C 46 20.33 -11.57 -20.40
N LEU C 47 19.18 -11.42 -21.04
CA LEU C 47 18.44 -12.57 -21.44
C LEU C 47 19.23 -13.45 -22.41
N GLY C 48 19.95 -12.81 -23.32
CA GLY C 48 20.79 -13.51 -24.27
C GLY C 48 21.92 -14.26 -23.57
N ARG C 49 22.58 -13.59 -22.64
CA ARG C 49 23.65 -14.19 -21.88
C ARG C 49 23.14 -15.41 -21.12
N LEU C 50 21.91 -15.35 -20.61
CA LEU C 50 21.31 -16.51 -19.96
C LEU C 50 20.90 -17.61 -20.94
N GLY C 51 21.17 -17.41 -22.21
CA GLY C 51 20.87 -18.44 -23.22
C GLY C 51 19.56 -18.37 -23.98
N ALA C 52 18.79 -17.29 -23.87
CA ALA C 52 17.60 -17.13 -24.71
C ALA C 52 17.97 -16.68 -26.13
N VAL C 53 17.06 -16.96 -27.07
CA VAL C 53 17.05 -16.32 -28.37
C VAL C 53 16.28 -15.01 -28.22
N VAL C 54 16.87 -13.89 -28.60
CA VAL C 54 16.32 -12.59 -28.22
C VAL C 54 15.87 -11.78 -29.41
N ILE C 55 14.63 -11.31 -29.37
CA ILE C 55 14.14 -10.38 -30.36
C ILE C 55 13.93 -9.08 -29.66
N GLY C 56 14.77 -8.11 -29.99
CA GLY C 56 14.67 -6.77 -29.46
C GLY C 56 13.94 -5.93 -30.47
N THR C 57 13.12 -4.99 -30.03
CA THR C 57 12.42 -4.11 -30.94
C THR C 57 12.67 -2.65 -30.71
N ALA C 58 12.53 -1.91 -31.80
CA ALA C 58 12.55 -0.46 -31.84
C ALA C 58 11.43 0.01 -32.73
N THR C 59 11.20 1.32 -32.68
CA THR C 59 10.14 1.94 -33.47
C THR C 59 10.60 2.31 -34.90
N SER C 60 11.91 2.28 -35.14
CA SER C 60 12.47 2.61 -36.45
C SER C 60 13.43 1.54 -36.97
N ALA C 61 13.54 1.46 -38.30
CA ALA C 61 14.47 0.55 -38.99
C ALA C 61 15.92 0.72 -38.56
N SER C 62 16.33 1.95 -38.29
CA SER C 62 17.70 2.18 -37.85
C SER C 62 17.92 1.64 -36.44
N GLY C 63 16.93 1.79 -35.57
CA GLY C 63 16.99 1.24 -34.21
C GLY C 63 17.09 -0.27 -34.23
N ALA C 64 16.30 -0.90 -35.12
CA ALA C 64 16.27 -2.35 -35.24
C ALA C 64 17.62 -2.89 -35.74
N GLU C 65 18.22 -2.19 -36.69
CA GLU C 65 19.51 -2.55 -37.24
C GLU C 65 20.56 -2.47 -36.16
N LYS C 66 20.48 -1.43 -35.36
CA LYS C 66 21.38 -1.28 -34.22
C LYS C 66 21.24 -2.43 -33.21
N ILE C 67 20.01 -2.80 -32.90
CA ILE C 67 19.76 -3.91 -32.00
C ILE C 67 20.43 -5.18 -32.51
N ALA C 68 20.21 -5.49 -33.80
CA ALA C 68 20.85 -6.66 -34.40
C ALA C 68 22.37 -6.64 -34.30
N GLU C 69 22.98 -5.49 -34.50
CA GLU C 69 24.45 -5.38 -34.42
C GLU C 69 24.96 -5.61 -33.02
N THR C 70 24.25 -5.03 -32.06
CA THR C 70 24.63 -5.19 -30.66
C THR C 70 24.54 -6.65 -30.22
N LEU C 71 23.41 -7.30 -30.53
CA LEU C 71 23.27 -8.71 -30.22
C LEU C 71 24.40 -9.50 -30.84
N LYS C 72 24.72 -9.22 -32.10
CA LYS C 72 25.79 -9.94 -32.78
C LYS C 72 27.14 -9.71 -32.12
N ALA C 73 27.47 -8.46 -31.90
CA ALA C 73 28.70 -8.10 -31.17
C ALA C 73 28.82 -8.85 -29.85
N ASN C 74 27.70 -9.14 -29.20
CA ASN C 74 27.71 -9.84 -27.90
C ASN C 74 27.39 -11.34 -28.00
N GLY C 75 27.36 -11.89 -29.20
CA GLY C 75 27.27 -13.33 -29.42
C GLY C 75 25.91 -13.91 -29.15
N VAL C 76 24.87 -13.09 -29.31
CA VAL C 76 23.51 -13.46 -28.98
C VAL C 76 22.71 -13.75 -30.22
N GLU C 77 22.09 -14.93 -30.28
CA GLU C 77 21.21 -15.30 -31.37
C GLU C 77 19.92 -14.54 -31.22
N GLY C 78 19.34 -14.18 -32.34
CA GLY C 78 18.05 -13.48 -32.34
C GLY C 78 17.90 -12.51 -33.47
N ALA C 79 17.32 -11.35 -33.19
CA ALA C 79 17.09 -10.35 -34.21
C ALA C 79 16.61 -9.02 -33.64
N GLY C 80 16.69 -7.99 -34.45
CA GLY C 80 16.07 -6.73 -34.13
C GLY C 80 14.99 -6.46 -35.15
N LEU C 81 13.83 -6.01 -34.69
CA LEU C 81 12.76 -5.70 -35.62
C LEU C 81 12.00 -4.47 -35.19
N VAL C 82 11.13 -4.04 -36.09
CA VAL C 82 10.41 -2.80 -35.96
C VAL C 82 9.03 -3.10 -35.41
N LEU C 83 8.63 -2.36 -34.40
CA LEU C 83 7.35 -2.57 -33.75
C LEU C 83 6.80 -1.29 -33.17
N ASP C 84 5.53 -1.06 -33.42
CA ASP C 84 4.80 0.04 -32.80
C ASP C 84 3.75 -0.60 -31.88
N VAL C 85 4.00 -0.53 -30.58
CA VAL C 85 3.11 -1.15 -29.59
C VAL C 85 1.75 -0.47 -29.53
N SER C 86 1.62 0.72 -30.13
CA SER C 86 0.31 1.40 -30.14
C SER C 86 -0.63 0.99 -31.30
N SER C 87 -0.18 0.10 -32.18
CA SER C 87 -0.95 -0.30 -33.37
C SER C 87 -1.21 -1.81 -33.44
N ASP C 88 -2.48 -2.21 -33.48
CA ASP C 88 -2.84 -3.65 -33.55
C ASP C 88 -2.24 -4.36 -34.77
N GLU C 89 -2.25 -3.68 -35.92
CA GLU C 89 -1.65 -4.23 -37.13
C GLU C 89 -0.18 -4.55 -36.91
N SER C 90 0.59 -3.56 -36.44
CA SER C 90 2.02 -3.76 -36.22
C SER C 90 2.31 -4.94 -35.27
N VAL C 91 1.56 -5.00 -34.17
CA VAL C 91 1.69 -6.05 -33.19
C VAL C 91 1.40 -7.42 -33.80
N ALA C 92 0.25 -7.54 -34.44
CA ALA C 92 -0.15 -8.78 -35.10
C ALA C 92 0.91 -9.23 -36.12
N ALA C 93 1.39 -8.29 -36.92
CA ALA C 93 2.34 -8.58 -38.00
C ALA C 93 3.68 -9.04 -37.44
N THR C 94 4.18 -8.28 -36.47
CA THR C 94 5.44 -8.60 -35.83
C THR C 94 5.38 -9.99 -35.20
N LEU C 95 4.29 -10.30 -34.51
CA LEU C 95 4.17 -11.63 -33.89
C LEU C 95 4.20 -12.74 -34.92
N GLU C 96 3.38 -12.61 -35.94
CA GLU C 96 3.36 -13.57 -37.03
C GLU C 96 4.77 -13.76 -37.62
N HIS C 97 5.44 -12.65 -37.89
CA HIS C 97 6.82 -12.64 -38.35
C HIS C 97 7.77 -13.44 -37.44
N ILE C 98 7.62 -13.28 -36.14
CA ILE C 98 8.46 -13.99 -35.16
C ILE C 98 8.19 -15.50 -35.20
N GLN C 99 6.93 -15.89 -35.25
CA GLN C 99 6.55 -17.30 -35.36
C GLN C 99 7.07 -17.90 -36.67
N GLN C 100 6.86 -17.18 -37.77
CA GLN C 100 7.42 -17.51 -39.09
C GLN C 100 8.87 -17.98 -38.96
N HIS C 101 9.77 -17.10 -38.52
CA HIS C 101 11.22 -17.31 -38.60
C HIS C 101 11.85 -17.92 -37.31
N LEU C 102 11.25 -17.75 -36.13
CA LEU C 102 11.97 -18.06 -34.86
C LEU C 102 11.26 -18.87 -33.78
N GLY C 103 9.94 -18.98 -33.84
CA GLY C 103 9.19 -19.68 -32.76
C GLY C 103 8.38 -18.71 -31.92
N GLN C 104 7.49 -19.23 -31.10
CA GLN C 104 6.67 -18.39 -30.23
C GLN C 104 7.48 -17.80 -29.06
N PRO C 105 7.37 -16.47 -28.87
CA PRO C 105 8.06 -15.86 -27.75
C PRO C 105 7.28 -16.10 -26.46
N LEU C 106 7.90 -16.83 -25.52
CA LEU C 106 7.27 -17.20 -24.24
C LEU C 106 7.74 -16.30 -23.09
N ILE C 107 8.74 -15.48 -23.38
CA ILE C 107 9.17 -14.45 -22.48
C ILE C 107 8.98 -13.13 -23.16
N VAL C 108 8.23 -12.22 -22.53
CA VAL C 108 8.01 -10.92 -23.09
C VAL C 108 8.28 -9.84 -22.06
N VAL C 109 9.13 -8.91 -22.42
CA VAL C 109 9.45 -7.80 -21.57
C VAL C 109 8.95 -6.54 -22.25
N ASN C 110 7.99 -5.89 -21.62
CA ASN C 110 7.47 -4.62 -22.10
C ASN C 110 8.25 -3.46 -21.49
N ASN C 111 9.07 -2.85 -22.30
CA ASN C 111 9.90 -1.75 -21.83
C ASN C 111 9.57 -0.47 -22.55
N ALA C 112 9.03 -0.58 -23.75
CA ALA C 112 8.62 0.57 -24.51
C ALA C 112 7.62 1.38 -23.68
N ASP C 126 -3.52 17.53 -17.38
CA ASP C 126 -3.50 17.32 -18.83
C ASP C 126 -2.81 15.98 -19.16
N GLU C 127 -1.53 15.95 -18.84
CA GLU C 127 -0.64 15.02 -19.50
C GLU C 127 -0.69 13.63 -18.85
N TRP C 128 -0.89 13.55 -17.53
CA TRP C 128 -0.76 12.26 -16.82
C TRP C 128 -1.77 11.24 -17.29
N PHE C 129 -3.01 11.67 -17.50
CA PHE C 129 -4.06 10.74 -17.82
C PHE C 129 -3.85 10.08 -19.17
N ASP C 130 -3.52 10.87 -20.19
CA ASP C 130 -3.26 10.33 -21.54
C ASP C 130 -2.04 9.42 -21.59
N VAL C 131 -0.99 9.78 -20.86
CA VAL C 131 0.24 8.96 -20.81
C VAL C 131 -0.03 7.57 -20.25
N VAL C 132 -0.61 7.55 -19.05
CA VAL C 132 -0.85 6.29 -18.36
C VAL C 132 -1.80 5.45 -19.18
N ASN C 133 -2.89 6.07 -19.61
CA ASN C 133 -3.87 5.38 -20.43
C ASN C 133 -3.25 4.73 -21.66
N THR C 134 -2.49 5.49 -22.41
CA THR C 134 -1.82 5.00 -23.59
C THR C 134 -0.84 3.85 -23.25
N ASN C 135 -0.03 4.03 -22.20
CA ASN C 135 0.90 2.97 -21.79
C ASN C 135 0.22 1.67 -21.39
N LEU C 136 -0.87 1.77 -20.65
CA LEU C 136 -1.59 0.57 -20.27
C LEU C 136 -2.26 -0.07 -21.48
N ASN C 137 -2.78 0.73 -22.40
CA ASN C 137 -3.38 0.16 -23.58
C ASN C 137 -2.36 -0.61 -24.40
N SER C 138 -1.14 -0.11 -24.45
CA SER C 138 -0.06 -0.79 -25.17
C SER C 138 0.37 -2.06 -24.45
N LEU C 139 0.51 -2.01 -23.13
CA LEU C 139 0.81 -3.23 -22.36
C LEU C 139 -0.24 -4.29 -22.59
N TYR C 140 -1.52 -3.89 -22.60
CA TYR C 140 -2.61 -4.83 -22.74
C TYR C 140 -2.61 -5.41 -24.15
N ARG C 141 -2.46 -4.55 -25.16
CA ARG C 141 -2.41 -4.97 -26.55
C ARG C 141 -1.35 -6.05 -26.79
N LEU C 142 -0.12 -5.78 -26.38
CA LEU C 142 0.96 -6.73 -26.58
C LEU C 142 0.82 -8.00 -25.74
N SER C 143 0.53 -7.84 -24.46
CA SER C 143 0.35 -8.98 -23.56
C SER C 143 -0.74 -9.94 -24.09
N LYS C 144 -1.88 -9.38 -24.45
CA LYS C 144 -3.03 -10.14 -24.93
C LYS C 144 -2.69 -10.89 -26.23
N ALA C 145 -1.83 -10.30 -27.05
CA ALA C 145 -1.44 -10.94 -28.30
C ALA C 145 -0.54 -12.13 -28.09
N VAL C 146 0.42 -11.99 -27.20
CA VAL C 146 1.38 -13.07 -26.97
C VAL C 146 0.83 -14.18 -26.08
N LEU C 147 -0.31 -13.96 -25.43
CA LEU C 147 -0.85 -14.96 -24.52
C LEU C 147 -1.29 -16.24 -25.19
N ARG C 148 -1.66 -16.17 -26.46
CA ARG C 148 -2.18 -17.35 -27.13
C ARG C 148 -1.05 -18.37 -27.14
N GLY C 149 0.12 -17.90 -27.55
CA GLY C 149 1.30 -18.75 -27.61
C GLY C 149 1.67 -19.30 -26.26
N MET C 150 1.56 -18.47 -25.24
CA MET C 150 1.90 -18.92 -23.89
C MET C 150 0.86 -19.91 -23.35
N THR C 151 -0.41 -19.65 -23.65
CA THR C 151 -1.53 -20.51 -23.26
C THR C 151 -1.41 -21.89 -23.87
N LYS C 152 -1.10 -21.93 -25.16
CA LYS C 152 -0.78 -23.17 -25.84
C LYS C 152 0.39 -23.92 -25.21
N ALA C 153 1.46 -23.22 -24.82
CA ALA C 153 2.64 -23.89 -24.22
C ALA C 153 2.48 -24.15 -22.72
N ARG C 154 1.38 -23.69 -22.14
CA ARG C 154 1.16 -23.72 -20.70
C ARG C 154 2.37 -23.26 -19.88
N TRP C 155 3.02 -22.21 -20.37
CA TRP C 155 4.17 -21.67 -19.69
C TRP C 155 4.35 -20.26 -20.19
N GLY C 156 4.75 -19.34 -19.32
CA GLY C 156 5.04 -18.00 -19.77
C GLY C 156 5.61 -17.03 -18.75
N ARG C 157 6.21 -15.96 -19.27
CA ARG C 157 6.74 -14.86 -18.47
C ARG C 157 6.48 -13.53 -19.18
N ILE C 158 5.70 -12.68 -18.53
CA ILE C 158 5.52 -11.33 -18.96
C ILE C 158 6.07 -10.44 -17.87
N ILE C 159 6.96 -9.52 -18.26
CA ILE C 159 7.61 -8.63 -17.31
C ILE C 159 7.53 -7.21 -17.82
N ASN C 160 6.98 -6.33 -16.98
CA ASN C 160 6.73 -4.96 -17.34
C ASN C 160 7.69 -3.99 -16.66
N ILE C 161 8.40 -3.18 -17.45
CA ILE C 161 9.39 -2.29 -16.91
C ILE C 161 8.80 -0.94 -16.78
N GLY C 162 8.81 -0.38 -15.57
CA GLY C 162 8.28 0.92 -15.34
C GLY C 162 9.26 1.97 -15.82
N SER C 163 8.85 3.23 -15.70
CA SER C 163 9.65 4.33 -16.16
C SER C 163 10.68 4.75 -15.16
N VAL C 164 11.79 5.28 -15.66
CA VAL C 164 12.87 5.77 -14.82
C VAL C 164 12.53 7.14 -14.25
N VAL C 165 13.07 7.38 -13.06
CA VAL C 165 12.75 8.56 -12.32
C VAL C 165 13.49 9.77 -12.82
N GLY C 166 12.71 10.84 -12.89
CA GLY C 166 13.23 12.13 -12.53
C GLY C 166 13.15 13.19 -13.58
N ALA C 167 12.93 12.81 -14.84
CA ALA C 167 12.65 13.84 -15.86
C ALA C 167 11.39 14.52 -15.33
N MET C 168 11.49 15.71 -14.74
CA MET C 168 10.40 16.19 -13.88
C MET C 168 10.19 17.72 -13.78
N GLY C 169 8.99 18.06 -13.28
CA GLY C 169 8.77 19.22 -12.40
C GLY C 169 7.95 18.70 -11.22
N ASN C 170 6.74 19.23 -11.06
CA ASN C 170 5.72 18.64 -10.17
C ASN C 170 4.86 17.73 -11.03
N ALA C 171 4.51 18.25 -12.20
CA ALA C 171 3.91 17.47 -13.27
C ALA C 171 4.70 16.19 -13.57
N GLY C 172 6.01 16.22 -13.36
CA GLY C 172 6.85 15.04 -13.48
C GLY C 172 6.64 14.04 -12.35
N GLN C 173 6.47 14.52 -11.14
CA GLN C 173 6.20 13.66 -9.97
C GLN C 173 4.79 13.04 -10.07
N THR C 174 3.87 13.80 -10.64
CA THR C 174 2.49 13.35 -10.81
C THR C 174 2.43 12.27 -11.88
N ASN C 175 3.08 12.52 -13.02
CA ASN C 175 3.16 11.52 -14.09
C ASN C 175 3.81 10.25 -13.57
N TYR C 176 4.96 10.40 -12.89
CA TYR C 176 5.73 9.25 -12.40
C TYR C 176 4.91 8.39 -11.42
N ALA C 177 4.24 9.04 -10.46
CA ALA C 177 3.46 8.30 -9.45
C ALA C 177 2.24 7.64 -10.09
N ALA C 178 1.60 8.35 -11.01
CA ALA C 178 0.44 7.82 -11.70
C ALA C 178 0.83 6.61 -12.56
N ALA C 179 1.93 6.73 -13.29
CA ALA C 179 2.40 5.63 -14.12
C ALA C 179 2.74 4.41 -13.28
N LYS C 180 3.42 4.62 -12.17
CA LYS C 180 3.80 3.50 -11.32
C LYS C 180 2.57 2.85 -10.70
N ALA C 181 1.57 3.63 -10.34
CA ALA C 181 0.37 3.04 -9.73
C ALA C 181 -0.38 2.20 -10.77
N GLY C 182 -0.49 2.74 -11.97
CA GLY C 182 -1.09 2.02 -13.08
C GLY C 182 -0.35 0.72 -13.39
N LEU C 183 0.97 0.78 -13.36
CA LEU C 183 1.77 -0.39 -13.62
C LEU C 183 1.54 -1.48 -12.56
N GLU C 184 1.53 -1.10 -11.29
CA GLU C 184 1.30 -2.06 -10.22
C GLU C 184 -0.07 -2.71 -10.31
N GLY C 185 -1.11 -1.91 -10.49
CA GLY C 185 -2.47 -2.46 -10.52
C GLY C 185 -2.65 -3.37 -11.72
N PHE C 186 -2.20 -2.89 -12.87
CA PHE C 186 -2.29 -3.64 -14.09
C PHE C 186 -1.58 -4.97 -13.98
N THR C 187 -0.35 -4.94 -13.48
CA THR C 187 0.45 -6.15 -13.34
C THR C 187 -0.21 -7.14 -12.40
N ARG C 188 -0.77 -6.62 -11.34
CA ARG C 188 -1.43 -7.48 -10.39
C ARG C 188 -2.69 -8.13 -10.99
N ALA C 189 -3.44 -7.39 -11.80
CA ALA C 189 -4.70 -7.91 -12.35
C ALA C 189 -4.46 -8.95 -13.42
N LEU C 190 -3.53 -8.63 -14.31
CA LEU C 190 -3.26 -9.52 -15.40
C LEU C 190 -2.73 -10.82 -14.81
N ALA C 191 -1.91 -10.73 -13.77
CA ALA C 191 -1.39 -11.94 -13.13
C ALA C 191 -2.51 -12.86 -12.69
N ARG C 192 -3.57 -12.29 -12.10
CA ARG C 192 -4.74 -13.09 -11.70
C ARG C 192 -5.44 -13.76 -12.87
N GLU C 193 -5.60 -13.02 -13.97
CA GLU C 193 -6.31 -13.51 -15.12
C GLU C 193 -5.60 -14.72 -15.76
N VAL C 194 -4.26 -14.77 -15.76
CA VAL C 194 -3.51 -15.77 -16.54
C VAL C 194 -2.76 -16.81 -15.69
N GLY C 195 -2.80 -16.67 -14.38
CA GLY C 195 -2.14 -17.59 -13.47
C GLY C 195 -2.42 -19.08 -13.66
N SER C 196 -3.70 -19.46 -13.77
CA SER C 196 -4.08 -20.89 -13.93
C SER C 196 -3.32 -21.57 -15.09
N ARG C 197 -2.75 -20.79 -16.01
CA ARG C 197 -2.00 -21.31 -17.16
C ARG C 197 -0.48 -21.34 -16.97
N ALA C 198 -0.02 -21.21 -15.74
CA ALA C 198 1.43 -21.21 -15.43
C ALA C 198 2.17 -20.11 -16.20
N ILE C 199 1.51 -18.96 -16.32
CA ILE C 199 2.10 -17.76 -16.86
C ILE C 199 2.19 -16.78 -15.71
N THR C 200 3.39 -16.23 -15.47
CA THR C 200 3.58 -15.25 -14.41
C THR C 200 3.71 -13.86 -15.00
N VAL C 201 3.17 -12.89 -14.28
CA VAL C 201 3.18 -11.53 -14.72
C VAL C 201 3.71 -10.67 -13.60
N ASN C 202 4.82 -9.99 -13.88
CA ASN C 202 5.48 -9.22 -12.89
C ASN C 202 5.96 -7.92 -13.45
N ALA C 203 6.42 -7.05 -12.56
CA ALA C 203 6.89 -5.75 -12.97
C ALA C 203 8.15 -5.39 -12.25
N VAL C 204 8.90 -4.48 -12.83
CA VAL C 204 10.11 -3.93 -12.18
C VAL C 204 9.99 -2.43 -12.17
N ALA C 205 10.20 -1.83 -11.01
CA ALA C 205 10.02 -0.38 -10.84
C ALA C 205 11.39 0.24 -10.60
N PRO C 206 12.01 0.80 -11.66
CA PRO C 206 13.28 1.39 -11.46
C PRO C 206 13.20 2.73 -10.77
N GLY C 207 14.27 3.03 -10.04
CA GLY C 207 14.48 4.33 -9.45
C GLY C 207 15.34 5.17 -10.37
N PHE C 208 16.46 5.67 -9.87
CA PHE C 208 17.29 6.57 -10.65
C PHE C 208 18.47 5.79 -11.23
N ILE C 209 18.44 5.65 -12.55
CA ILE C 209 19.32 4.74 -13.24
C ILE C 209 20.14 5.57 -14.20
N ASP C 210 21.40 5.19 -14.36
CA ASP C 210 22.30 5.87 -15.25
C ASP C 210 21.95 5.55 -16.70
N THR C 211 21.27 6.48 -17.36
CA THR C 211 20.91 6.32 -18.76
C THR C 211 21.05 7.62 -19.53
N ASP C 212 20.84 7.51 -20.84
CA ASP C 212 20.89 8.67 -21.75
C ASP C 212 20.10 9.85 -21.27
N MET C 213 18.83 9.62 -20.92
CA MET C 213 18.00 10.71 -20.47
C MET C 213 18.55 11.30 -19.16
N THR C 214 19.09 10.48 -18.28
CA THR C 214 19.49 10.92 -16.93
C THR C 214 20.86 11.59 -16.89
N ARG C 215 21.75 11.21 -17.81
CA ARG C 215 23.06 11.84 -17.91
C ARG C 215 22.97 13.28 -18.37
N GLU C 216 21.88 13.60 -19.06
CA GLU C 216 21.68 14.86 -19.72
C GLU C 216 20.76 15.76 -18.87
N LEU C 217 20.36 15.29 -17.69
CA LEU C 217 19.53 16.07 -16.77
C LEU C 217 20.33 17.19 -16.13
N PRO C 218 19.67 18.34 -15.86
CA PRO C 218 20.36 19.44 -15.16
C PRO C 218 21.04 18.95 -13.91
N GLU C 219 22.22 19.49 -13.66
CA GLU C 219 23.07 18.95 -12.65
C GLU C 219 22.40 19.08 -11.30
N ALA C 220 21.53 20.08 -11.13
CA ALA C 220 20.85 20.32 -9.85
C ALA C 220 19.87 19.23 -9.54
N GLN C 221 19.07 18.87 -10.55
CA GLN C 221 18.19 17.71 -10.48
C GLN C 221 18.97 16.46 -10.04
N ARG C 222 20.10 16.21 -10.72
CA ARG C 222 20.92 15.01 -10.48
C ARG C 222 21.44 14.95 -9.04
N GLU C 223 21.89 16.09 -8.55
CA GLU C 223 22.42 16.20 -7.20
C GLU C 223 21.33 16.00 -6.14
N ALA C 224 20.20 16.67 -6.34
CA ALA C 224 19.05 16.53 -5.46
C ALA C 224 18.67 15.06 -5.36
N LEU C 225 18.44 14.44 -6.51
CA LEU C 225 18.06 13.05 -6.58
C LEU C 225 19.02 12.13 -5.86
N LEU C 226 20.32 12.27 -6.16
CA LEU C 226 21.36 11.48 -5.48
C LEU C 226 21.32 11.62 -3.94
N GLY C 227 20.87 12.79 -3.47
CA GLY C 227 20.70 13.02 -2.04
C GLY C 227 19.59 12.21 -1.40
N GLN C 228 18.56 11.88 -2.18
CA GLN C 228 17.42 11.06 -1.72
C GLN C 228 17.68 9.53 -1.78
N ILE C 229 18.85 9.09 -2.23
CA ILE C 229 19.08 7.67 -2.41
C ILE C 229 20.03 7.10 -1.36
N PRO C 230 19.52 6.26 -0.43
CA PRO C 230 20.36 5.65 0.61
C PRO C 230 21.68 5.04 0.11
N LEU C 231 21.68 4.36 -1.04
CA LEU C 231 22.95 3.82 -1.54
C LEU C 231 23.91 4.91 -2.03
N GLY C 232 23.42 6.14 -2.14
CA GLY C 232 24.26 7.27 -2.55
C GLY C 232 24.87 7.12 -3.94
N ARG C 233 24.19 6.42 -4.84
CA ARG C 233 24.65 6.31 -6.21
C ARG C 233 23.48 5.99 -7.11
N LEU C 234 23.68 6.24 -8.40
CA LEU C 234 22.72 5.84 -9.43
C LEU C 234 22.79 4.35 -9.68
N GLY C 235 21.67 3.78 -10.07
CA GLY C 235 21.67 2.38 -10.47
C GLY C 235 22.24 2.26 -11.87
N GLN C 236 22.85 1.12 -12.15
CA GLN C 236 23.26 0.76 -13.51
C GLN C 236 22.13 0.02 -14.19
N ALA C 237 22.07 0.13 -15.50
CA ALA C 237 21.03 -0.54 -16.29
C ALA C 237 21.13 -2.05 -16.12
N GLU C 238 22.36 -2.56 -15.98
CA GLU C 238 22.62 -3.99 -15.75
C GLU C 238 21.93 -4.50 -14.48
N GLU C 239 21.80 -3.62 -13.48
CA GLU C 239 21.16 -3.97 -12.23
C GLU C 239 19.63 -4.13 -12.37
N ILE C 240 19.02 -3.51 -13.38
CA ILE C 240 17.64 -3.79 -13.70
C ILE C 240 17.52 -5.10 -14.47
N ALA C 241 18.39 -5.26 -15.46
CA ALA C 241 18.43 -6.49 -16.25
C ALA C 241 18.61 -7.74 -15.39
N LYS C 242 19.39 -7.69 -14.33
CA LYS C 242 19.59 -8.90 -13.55
C LYS C 242 18.34 -9.33 -12.87
N VAL C 243 17.56 -8.36 -12.41
CA VAL C 243 16.26 -8.64 -11.81
C VAL C 243 15.30 -9.26 -12.86
N VAL C 244 15.26 -8.67 -14.04
CA VAL C 244 14.40 -9.20 -15.09
C VAL C 244 14.78 -10.63 -15.42
N GLY C 245 16.08 -10.89 -15.47
CA GLY C 245 16.57 -12.22 -15.80
C GLY C 245 16.12 -13.25 -14.77
N PHE C 246 16.22 -12.89 -13.52
CA PHE C 246 15.80 -13.80 -12.49
C PHE C 246 14.31 -14.09 -12.64
N LEU C 247 13.50 -13.05 -12.77
CA LEU C 247 12.06 -13.22 -12.92
C LEU C 247 11.64 -14.03 -14.13
N ALA C 248 12.44 -13.99 -15.19
CA ALA C 248 12.18 -14.85 -16.35
C ALA C 248 12.53 -16.34 -16.09
N SER C 249 13.27 -16.64 -15.04
CA SER C 249 13.75 -18.00 -14.84
C SER C 249 12.69 -18.88 -14.21
N ASP C 250 12.99 -20.16 -14.10
CA ASP C 250 12.14 -21.14 -13.45
C ASP C 250 12.12 -20.96 -11.94
N GLY C 251 13.19 -20.42 -11.36
CA GLY C 251 13.23 -20.15 -9.96
C GLY C 251 12.22 -19.12 -9.48
N ALA C 252 11.75 -18.26 -10.40
CA ALA C 252 10.75 -17.26 -10.07
C ALA C 252 9.34 -17.74 -10.36
N ALA C 253 9.14 -19.03 -10.49
CA ALA C 253 7.85 -19.53 -10.94
C ALA C 253 6.69 -19.27 -9.98
N TYR C 254 6.97 -19.11 -8.68
CA TYR C 254 5.89 -18.82 -7.72
C TYR C 254 5.76 -17.32 -7.47
N VAL C 255 6.54 -16.51 -8.17
CA VAL C 255 6.43 -15.09 -8.04
C VAL C 255 5.56 -14.56 -9.15
N THR C 256 4.42 -13.96 -8.80
CA THR C 256 3.53 -13.37 -9.78
C THR C 256 2.65 -12.29 -9.18
N GLY C 257 2.34 -11.30 -10.00
CA GLY C 257 1.61 -10.11 -9.56
C GLY C 257 2.46 -9.14 -8.82
N ALA C 258 3.77 -9.36 -8.80
CA ALA C 258 4.71 -8.58 -8.00
C ALA C 258 5.29 -7.41 -8.78
N THR C 259 5.50 -6.30 -8.07
CA THR C 259 6.32 -5.22 -8.62
C THR C 259 7.56 -5.11 -7.79
N VAL C 260 8.72 -5.44 -8.33
CA VAL C 260 9.96 -5.41 -7.58
C VAL C 260 10.59 -4.04 -7.77
N PRO C 261 10.74 -3.26 -6.68
CA PRO C 261 11.36 -1.94 -6.85
C PRO C 261 12.86 -2.10 -6.81
N VAL C 262 13.55 -1.39 -7.71
CA VAL C 262 14.99 -1.50 -7.88
C VAL C 262 15.49 -0.10 -7.91
N ASN C 263 15.67 0.48 -6.72
CA ASN C 263 15.81 1.93 -6.59
C ASN C 263 16.74 2.37 -5.51
N GLY C 264 17.63 1.48 -5.08
CA GLY C 264 18.70 1.88 -4.12
C GLY C 264 18.15 2.42 -2.83
N GLY C 265 16.86 2.16 -2.58
CA GLY C 265 16.23 2.50 -1.33
C GLY C 265 15.44 3.76 -1.34
N MET C 266 15.37 4.43 -2.47
CA MET C 266 14.60 5.67 -2.55
C MET C 266 13.19 5.38 -2.98
N TYR C 267 12.22 5.60 -2.10
CA TYR C 267 10.80 5.30 -2.42
C TYR C 267 9.93 6.55 -2.53
N MET C 268 9.10 6.60 -3.57
CA MET C 268 8.30 7.79 -3.90
C MET C 268 6.81 7.55 -3.88
N SER C 269 6.05 8.39 -3.18
CA SER C 269 4.61 8.16 -3.04
C SER C 269 3.79 9.31 -3.62
N GLN D 21 -21.39 27.39 11.52
CA GLN D 21 -21.41 25.90 11.31
C GLN D 21 -20.31 25.38 10.41
N SER D 22 -19.87 24.17 10.70
CA SER D 22 -18.78 23.53 9.98
C SER D 22 -19.23 22.42 9.00
N MET D 23 -20.45 21.91 9.17
CA MET D 23 -21.00 20.77 8.38
C MET D 23 -22.09 21.22 7.39
N SER D 24 -22.54 22.46 7.48
CA SER D 24 -23.51 22.99 6.54
C SER D 24 -22.99 23.03 5.09
N LEU D 25 -23.76 22.45 4.18
CA LEU D 25 -23.53 22.60 2.73
C LEU D 25 -24.57 23.55 2.12
N GLN D 26 -25.25 24.25 3.00
CA GLN D 26 -26.13 25.37 2.64
C GLN D 26 -25.49 26.24 1.58
N GLY D 27 -26.27 26.60 0.57
CA GLY D 27 -25.80 27.49 -0.49
C GLY D 27 -25.02 26.84 -1.61
N LYS D 28 -24.86 25.50 -1.58
CA LYS D 28 -24.13 24.79 -2.61
C LYS D 28 -24.95 23.82 -3.44
N VAL D 29 -24.46 23.60 -4.64
CA VAL D 29 -25.09 22.74 -5.59
C VAL D 29 -24.21 21.52 -5.77
N ALA D 30 -24.82 20.36 -5.57
CA ALA D 30 -24.13 19.09 -5.63
C ALA D 30 -24.68 18.23 -6.74
N LEU D 31 -23.78 17.69 -7.58
CA LEU D 31 -24.18 16.73 -8.60
C LEU D 31 -23.78 15.33 -8.13
N VAL D 32 -24.76 14.42 -8.09
CA VAL D 32 -24.52 13.03 -7.70
C VAL D 32 -24.96 12.10 -8.80
N THR D 33 -24.01 11.45 -9.47
CA THR D 33 -24.34 10.57 -10.56
C THR D 33 -24.77 9.25 -10.00
N GLY D 34 -25.70 8.57 -10.69
CA GLY D 34 -26.13 7.23 -10.32
C GLY D 34 -26.88 7.29 -9.01
N ALA D 35 -27.84 8.21 -8.91
CA ALA D 35 -28.48 8.51 -7.64
C ALA D 35 -29.81 7.83 -7.42
N SER D 36 -30.19 6.92 -8.32
CA SER D 36 -31.54 6.36 -8.28
C SER D 36 -31.70 5.24 -7.25
N ARG D 37 -30.61 4.55 -6.93
CA ARG D 37 -30.64 3.38 -6.06
C ARG D 37 -29.54 3.43 -5.01
N GLY D 38 -29.74 2.69 -3.93
CA GLY D 38 -28.68 2.31 -3.01
C GLY D 38 -27.78 3.42 -2.55
N ILE D 39 -26.48 3.24 -2.80
CA ILE D 39 -25.47 4.16 -2.32
C ILE D 39 -25.65 5.56 -2.89
N GLY D 40 -25.92 5.65 -4.19
CA GLY D 40 -26.14 6.93 -4.84
C GLY D 40 -27.33 7.69 -4.29
N GLN D 41 -28.43 7.00 -4.06
CA GLN D 41 -29.60 7.65 -3.46
C GLN D 41 -29.28 8.13 -2.04
N ALA D 42 -28.60 7.29 -1.29
CA ALA D 42 -28.31 7.63 0.09
C ALA D 42 -27.40 8.86 0.11
N ILE D 43 -26.42 8.93 -0.80
CA ILE D 43 -25.55 10.11 -0.88
C ILE D 43 -26.37 11.39 -1.23
N ALA D 44 -27.25 11.31 -2.21
CA ALA D 44 -28.08 12.47 -2.55
C ALA D 44 -28.89 12.96 -1.34
N LEU D 45 -29.45 12.02 -0.58
CA LEU D 45 -30.29 12.35 0.55
C LEU D 45 -29.51 12.98 1.66
N GLU D 46 -28.29 12.48 1.85
CA GLU D 46 -27.41 13.00 2.90
C GLU D 46 -26.89 14.39 2.56
N LEU D 47 -26.46 14.60 1.32
CA LEU D 47 -26.05 15.94 0.90
C LEU D 47 -27.20 16.92 1.01
N GLY D 48 -28.41 16.48 0.66
CA GLY D 48 -29.60 17.30 0.80
C GLY D 48 -29.92 17.65 2.24
N ARG D 49 -29.85 16.65 3.09
CA ARG D 49 -30.09 16.83 4.51
C ARG D 49 -29.11 17.85 5.06
N LEU D 50 -27.87 17.84 4.58
CA LEU D 50 -26.87 18.81 5.01
C LEU D 50 -27.07 20.18 4.38
N GLY D 51 -28.14 20.34 3.61
CA GLY D 51 -28.55 21.63 3.09
C GLY D 51 -28.16 21.97 1.65
N ALA D 52 -27.59 21.03 0.91
CA ALA D 52 -27.23 21.30 -0.48
C ALA D 52 -28.47 21.22 -1.35
N VAL D 53 -28.39 21.88 -2.50
CA VAL D 53 -29.33 21.67 -3.58
C VAL D 53 -28.76 20.50 -4.36
N VAL D 54 -29.54 19.44 -4.58
CA VAL D 54 -28.99 18.21 -5.12
C VAL D 54 -29.51 17.85 -6.50
N ILE D 55 -28.59 17.63 -7.43
CA ILE D 55 -28.96 17.09 -8.74
C ILE D 55 -28.48 15.68 -8.81
N GLY D 56 -29.43 14.73 -8.81
CA GLY D 56 -29.11 13.31 -8.90
C GLY D 56 -29.30 12.92 -10.33
N THR D 57 -28.46 12.04 -10.86
CA THR D 57 -28.63 11.57 -12.22
C THR D 57 -28.82 10.07 -12.34
N ALA D 58 -29.53 9.69 -13.39
CA ALA D 58 -29.69 8.31 -13.84
C ALA D 58 -29.46 8.27 -15.35
N THR D 59 -29.40 7.06 -15.88
CA THR D 59 -29.21 6.84 -17.31
C THR D 59 -30.52 6.82 -18.12
N SER D 60 -31.65 6.73 -17.41
CA SER D 60 -32.98 6.71 -18.04
C SER D 60 -33.94 7.73 -17.44
N ALA D 61 -34.89 8.15 -18.27
CA ALA D 61 -35.94 9.09 -17.86
C ALA D 61 -36.74 8.60 -16.66
N SER D 62 -36.95 7.29 -16.55
CA SER D 62 -37.72 6.76 -15.43
C SER D 62 -36.92 6.86 -14.13
N GLY D 63 -35.60 6.63 -14.24
CA GLY D 63 -34.69 6.80 -13.09
C GLY D 63 -34.65 8.23 -12.60
N ALA D 64 -34.60 9.18 -13.53
CA ALA D 64 -34.55 10.58 -13.20
C ALA D 64 -35.83 11.07 -12.53
N GLU D 65 -36.98 10.61 -13.00
CA GLU D 65 -38.27 10.97 -12.37
C GLU D 65 -38.30 10.44 -10.95
N LYS D 66 -37.82 9.22 -10.78
CA LYS D 66 -37.78 8.60 -9.46
C LYS D 66 -36.93 9.44 -8.52
N ILE D 67 -35.77 9.86 -9.01
CA ILE D 67 -34.87 10.69 -8.21
C ILE D 67 -35.59 11.97 -7.75
N ALA D 68 -36.22 12.66 -8.68
CA ALA D 68 -36.98 13.87 -8.34
C ALA D 68 -38.06 13.61 -7.27
N GLU D 69 -38.77 12.50 -7.38
CA GLU D 69 -39.81 12.18 -6.39
C GLU D 69 -39.22 11.91 -5.01
N THR D 70 -38.13 11.17 -4.99
CA THR D 70 -37.46 10.84 -3.74
C THR D 70 -36.99 12.11 -3.04
N LEU D 71 -36.35 12.99 -3.79
CA LEU D 71 -35.89 14.25 -3.21
C LEU D 71 -37.05 15.02 -2.62
N LYS D 72 -38.15 15.12 -3.36
CA LYS D 72 -39.35 15.85 -2.84
C LYS D 72 -39.91 15.18 -1.60
N ALA D 73 -40.14 13.87 -1.67
CA ALA D 73 -40.57 13.10 -0.51
C ALA D 73 -39.70 13.36 0.73
N ASN D 74 -38.41 13.64 0.54
CA ASN D 74 -37.51 13.91 1.68
C ASN D 74 -37.23 15.39 1.96
N GLY D 75 -37.94 16.28 1.27
CA GLY D 75 -37.85 17.71 1.52
C GLY D 75 -36.58 18.34 1.02
N VAL D 76 -36.03 17.78 -0.05
CA VAL D 76 -34.75 18.26 -0.61
C VAL D 76 -34.99 19.03 -1.92
N GLU D 77 -34.45 20.23 -2.01
CA GLU D 77 -34.48 21.00 -3.25
C GLU D 77 -33.48 20.40 -4.23
N GLY D 78 -33.83 20.43 -5.51
CA GLY D 78 -32.93 19.97 -6.56
C GLY D 78 -33.68 19.39 -7.73
N ALA D 79 -33.14 18.33 -8.30
CA ALA D 79 -33.72 17.76 -9.50
C ALA D 79 -33.08 16.44 -9.86
N GLY D 80 -33.77 15.68 -10.72
CA GLY D 80 -33.24 14.45 -11.27
C GLY D 80 -33.11 14.64 -12.75
N LEU D 81 -31.97 14.24 -13.32
CA LEU D 81 -31.68 14.39 -14.73
C LEU D 81 -31.11 13.15 -15.33
N VAL D 82 -31.11 13.10 -16.66
CA VAL D 82 -30.61 11.98 -17.42
C VAL D 82 -29.22 12.30 -17.92
N LEU D 83 -28.31 11.39 -17.66
CA LEU D 83 -26.91 11.63 -17.94
C LEU D 83 -26.23 10.31 -18.28
N ASP D 84 -25.47 10.35 -19.36
CA ASP D 84 -24.60 9.25 -19.74
C ASP D 84 -23.18 9.76 -19.59
N VAL D 85 -22.50 9.28 -18.55
CA VAL D 85 -21.12 9.72 -18.27
C VAL D 85 -20.14 9.24 -19.33
N SER D 86 -20.53 8.30 -20.17
CA SER D 86 -19.65 7.85 -21.26
C SER D 86 -19.69 8.71 -22.54
N SER D 87 -20.54 9.76 -22.59
CA SER D 87 -20.74 10.59 -23.81
C SER D 87 -20.47 12.07 -23.58
N ASP D 88 -19.53 12.64 -24.34
CA ASP D 88 -19.17 14.06 -24.17
C ASP D 88 -20.34 15.01 -24.38
N GLU D 89 -21.17 14.69 -25.36
CA GLU D 89 -22.38 15.47 -25.64
C GLU D 89 -23.29 15.49 -24.42
N SER D 90 -23.62 14.31 -23.90
CA SER D 90 -24.51 14.23 -22.74
C SER D 90 -23.99 15.03 -21.53
N VAL D 91 -22.70 14.88 -21.26
CA VAL D 91 -22.05 15.60 -20.15
C VAL D 91 -22.12 17.11 -20.35
N ALA D 92 -21.69 17.57 -21.52
CA ALA D 92 -21.70 19.00 -21.83
C ALA D 92 -23.11 19.56 -21.70
N ALA D 93 -24.09 18.82 -22.22
CA ALA D 93 -25.48 19.28 -22.25
C ALA D 93 -26.07 19.37 -20.87
N THR D 94 -25.89 18.30 -20.11
CA THR D 94 -26.36 18.25 -18.74
C THR D 94 -25.76 19.40 -17.91
N LEU D 95 -24.47 19.64 -18.05
CA LEU D 95 -23.85 20.73 -17.26
C LEU D 95 -24.44 22.07 -17.59
N GLU D 96 -24.53 22.37 -18.88
CA GLU D 96 -25.16 23.59 -19.38
C GLU D 96 -26.54 23.78 -18.76
N HIS D 97 -27.33 22.72 -18.85
CA HIS D 97 -28.66 22.71 -18.28
C HIS D 97 -28.66 23.06 -16.79
N ILE D 98 -27.72 22.51 -16.04
CA ILE D 98 -27.62 22.76 -14.59
C ILE D 98 -27.30 24.23 -14.31
N GLN D 99 -26.35 24.80 -15.03
CA GLN D 99 -25.99 26.22 -14.91
C GLN D 99 -27.16 27.12 -15.27
N GLN D 100 -27.79 26.83 -16.40
CA GLN D 100 -29.04 27.47 -16.82
C GLN D 100 -29.97 27.69 -15.62
N HIS D 101 -30.43 26.60 -15.00
CA HIS D 101 -31.52 26.67 -14.02
C HIS D 101 -31.12 26.71 -12.55
N LEU D 102 -29.94 26.22 -12.19
CA LEU D 102 -29.64 25.99 -10.76
C LEU D 102 -28.33 26.51 -10.22
N GLY D 103 -27.37 26.84 -11.08
CA GLY D 103 -26.06 27.27 -10.62
C GLY D 103 -25.00 26.21 -10.87
N GLN D 104 -23.75 26.59 -10.70
CA GLN D 104 -22.63 25.71 -10.90
C GLN D 104 -22.58 24.63 -9.81
N PRO D 105 -22.48 23.35 -10.17
CA PRO D 105 -22.26 22.34 -9.15
C PRO D 105 -20.81 22.29 -8.68
N LEU D 106 -20.57 22.62 -7.40
CA LEU D 106 -19.22 22.69 -6.82
C LEU D 106 -18.88 21.47 -5.99
N ILE D 107 -19.90 20.65 -5.75
CA ILE D 107 -19.72 19.33 -5.19
C ILE D 107 -20.15 18.30 -6.21
N VAL D 108 -19.26 17.38 -6.55
CA VAL D 108 -19.58 16.35 -7.55
C VAL D 108 -19.19 14.99 -7.01
N VAL D 109 -20.17 14.10 -6.97
CA VAL D 109 -19.93 12.76 -6.53
C VAL D 109 -20.10 11.81 -7.71
N ASN D 110 -19.01 11.15 -8.12
CA ASN D 110 -19.08 10.18 -9.21
C ASN D 110 -19.36 8.80 -8.66
N ASN D 111 -20.58 8.34 -8.86
CA ASN D 111 -21.00 7.05 -8.35
C ASN D 111 -21.38 6.11 -9.46
N ALA D 112 -21.74 6.65 -10.61
CA ALA D 112 -22.05 5.82 -11.76
C ALA D 112 -20.87 4.86 -12.09
N ASP D 126 -10.40 -11.33 -18.61
CA ASP D 126 -11.26 -10.95 -19.72
C ASP D 126 -11.72 -9.48 -19.59
N GLU D 127 -12.60 -9.25 -18.60
CA GLU D 127 -13.45 -8.06 -18.53
C GLU D 127 -12.85 -6.89 -17.70
N TRP D 128 -11.87 -7.18 -16.84
CA TRP D 128 -11.35 -6.17 -15.88
C TRP D 128 -10.75 -4.95 -16.58
N PHE D 129 -10.01 -5.17 -17.65
CA PHE D 129 -9.31 -4.07 -18.30
C PHE D 129 -10.28 -3.07 -18.92
N ASP D 130 -11.25 -3.55 -19.67
CA ASP D 130 -12.25 -2.66 -20.31
C ASP D 130 -13.09 -1.92 -19.27
N VAL D 131 -13.45 -2.60 -18.19
CA VAL D 131 -14.26 -1.96 -17.13
C VAL D 131 -13.53 -0.78 -16.53
N VAL D 132 -12.32 -1.04 -16.05
CA VAL D 132 -11.55 -0.04 -15.36
C VAL D 132 -11.27 1.10 -16.31
N ASN D 133 -10.78 0.77 -17.50
CA ASN D 133 -10.53 1.79 -18.52
C ASN D 133 -11.74 2.71 -18.81
N THR D 134 -12.89 2.11 -19.05
CA THR D 134 -14.10 2.84 -19.29
C THR D 134 -14.47 3.72 -18.06
N ASN D 135 -14.41 3.15 -16.86
CA ASN D 135 -14.72 3.93 -15.67
C ASN D 135 -13.80 5.15 -15.50
N LEU D 136 -12.51 4.96 -15.73
CA LEU D 136 -11.59 6.08 -15.55
C LEU D 136 -11.81 7.14 -16.62
N ASN D 137 -12.09 6.71 -17.86
CA ASN D 137 -12.37 7.69 -18.90
C ASN D 137 -13.62 8.52 -18.53
N SER D 138 -14.61 7.89 -17.91
CA SER D 138 -15.83 8.60 -17.48
C SER D 138 -15.53 9.55 -16.33
N LEU D 139 -14.75 9.09 -15.36
CA LEU D 139 -14.39 9.96 -14.23
C LEU D 139 -13.66 11.19 -14.75
N TYR D 140 -12.76 10.98 -15.70
CA TYR D 140 -11.97 12.09 -16.24
C TYR D 140 -12.85 13.04 -17.03
N ARG D 141 -13.71 12.50 -17.88
CA ARG D 141 -14.65 13.29 -18.66
C ARG D 141 -15.50 14.22 -17.79
N LEU D 142 -16.17 13.66 -16.79
CA LEU D 142 -17.03 14.44 -15.92
C LEU D 142 -16.24 15.43 -15.07
N SER D 143 -15.17 14.96 -14.44
CA SER D 143 -14.35 15.80 -13.57
C SER D 143 -13.84 17.00 -14.32
N LYS D 144 -13.28 16.77 -15.49
CA LYS D 144 -12.69 17.82 -16.33
C LYS D 144 -13.75 18.84 -16.76
N ALA D 145 -14.98 18.39 -16.96
CA ALA D 145 -16.05 19.28 -17.35
C ALA D 145 -16.49 20.19 -16.21
N VAL D 146 -16.59 19.65 -14.98
CA VAL D 146 -17.03 20.43 -13.84
C VAL D 146 -15.95 21.29 -13.21
N LEU D 147 -14.69 21.08 -13.57
CA LEU D 147 -13.59 21.86 -13.00
C LEU D 147 -13.61 23.33 -13.36
N ARG D 148 -14.19 23.71 -14.49
CA ARG D 148 -14.15 25.11 -14.89
C ARG D 148 -14.89 25.88 -13.86
N GLY D 149 -16.09 25.40 -13.55
CA GLY D 149 -16.92 26.02 -12.54
C GLY D 149 -16.25 26.10 -11.19
N MET D 150 -15.56 25.03 -10.82
CA MET D 150 -14.88 25.02 -9.54
C MET D 150 -13.66 25.94 -9.54
N THR D 151 -12.93 25.94 -10.65
CA THR D 151 -11.78 26.82 -10.83
C THR D 151 -12.19 28.30 -10.71
N LYS D 152 -13.29 28.66 -11.34
CA LYS D 152 -13.87 30.00 -11.20
C LYS D 152 -14.17 30.35 -9.77
N ALA D 153 -14.80 29.43 -9.06
CA ALA D 153 -15.21 29.69 -7.68
C ALA D 153 -14.09 29.49 -6.67
N ARG D 154 -12.93 29.03 -7.14
CA ARG D 154 -11.79 28.71 -6.29
C ARG D 154 -12.15 27.84 -5.10
N TRP D 155 -13.03 26.89 -5.34
CA TRP D 155 -13.50 26.04 -4.30
C TRP D 155 -14.11 24.84 -4.96
N GLY D 156 -13.92 23.65 -4.39
CA GLY D 156 -14.53 22.46 -4.98
C GLY D 156 -14.34 21.16 -4.24
N ARG D 157 -15.23 20.23 -4.52
CA ARG D 157 -15.18 18.88 -3.94
C ARG D 157 -15.58 17.87 -5.00
N ILE D 158 -14.63 17.02 -5.35
CA ILE D 158 -14.91 15.90 -6.23
C ILE D 158 -14.67 14.63 -5.42
N ILE D 159 -15.67 13.76 -5.38
CA ILE D 159 -15.60 12.56 -4.59
C ILE D 159 -16.02 11.39 -5.49
N ASN D 160 -15.14 10.40 -5.57
CA ASN D 160 -15.34 9.21 -6.41
C ASN D 160 -15.69 7.98 -5.57
N ILE D 161 -16.80 7.34 -5.90
CA ILE D 161 -17.25 6.21 -5.17
C ILE D 161 -16.82 4.98 -5.90
N GLY D 162 -16.10 4.11 -5.22
CA GLY D 162 -15.66 2.86 -5.81
C GLY D 162 -16.79 1.87 -5.81
N SER D 163 -16.52 0.71 -6.41
CA SER D 163 -17.54 -0.32 -6.59
C SER D 163 -17.62 -1.21 -5.36
N VAL D 164 -18.80 -1.74 -5.09
CA VAL D 164 -19.04 -2.61 -3.94
C VAL D 164 -18.50 -4.02 -4.20
N VAL D 165 -18.13 -4.67 -3.11
CA VAL D 165 -17.60 -6.02 -3.04
C VAL D 165 -18.70 -7.07 -3.06
N GLY D 166 -18.78 -7.88 -4.10
CA GLY D 166 -19.68 -9.03 -4.06
C GLY D 166 -19.13 -10.33 -4.57
N ALA D 167 -18.80 -10.34 -5.86
CA ALA D 167 -18.55 -11.58 -6.51
C ALA D 167 -17.30 -12.26 -5.95
N MET D 168 -17.22 -13.57 -6.18
CA MET D 168 -16.25 -14.39 -5.48
C MET D 168 -15.33 -15.14 -6.43
N GLY D 169 -14.57 -16.04 -5.80
CA GLY D 169 -13.50 -16.74 -6.43
C GLY D 169 -12.55 -15.67 -6.89
N ASN D 170 -12.13 -15.77 -8.14
CA ASN D 170 -11.07 -14.94 -8.68
C ASN D 170 -11.62 -13.73 -9.40
N ALA D 171 -12.45 -13.96 -10.42
CA ALA D 171 -12.85 -12.91 -11.36
C ALA D 171 -13.51 -11.68 -10.71
N GLY D 172 -14.27 -11.90 -9.63
CA GLY D 172 -14.83 -10.81 -8.85
C GLY D 172 -13.78 -10.11 -8.01
N GLN D 173 -12.83 -10.86 -7.46
CA GLN D 173 -11.73 -10.26 -6.71
C GLN D 173 -10.79 -9.49 -7.60
N THR D 174 -10.62 -9.96 -8.82
CA THR D 174 -9.73 -9.35 -9.79
C THR D 174 -10.31 -8.03 -10.24
N ASN D 175 -11.58 -8.06 -10.63
CA ASN D 175 -12.28 -6.85 -11.04
C ASN D 175 -12.28 -5.85 -9.90
N TYR D 176 -12.61 -6.30 -8.69
CA TYR D 176 -12.68 -5.42 -7.54
C TYR D 176 -11.32 -4.76 -7.19
N ALA D 177 -10.25 -5.55 -7.17
CA ALA D 177 -8.92 -5.01 -6.85
C ALA D 177 -8.44 -4.07 -7.93
N ALA D 178 -8.66 -4.45 -9.19
CA ALA D 178 -8.25 -3.60 -10.31
C ALA D 178 -8.98 -2.26 -10.30
N ALA D 179 -10.29 -2.30 -10.08
CA ALA D 179 -11.11 -1.08 -10.04
C ALA D 179 -10.68 -0.21 -8.91
N LYS D 180 -10.44 -0.80 -7.75
CA LYS D 180 -9.98 -0.02 -6.62
C LYS D 180 -8.59 0.59 -6.86
N ALA D 181 -7.69 -0.15 -7.50
CA ALA D 181 -6.35 0.35 -7.70
C ALA D 181 -6.41 1.55 -8.67
N GLY D 182 -7.19 1.39 -9.72
CA GLY D 182 -7.41 2.45 -10.66
C GLY D 182 -8.00 3.67 -10.01
N LEU D 183 -8.95 3.45 -9.14
CA LEU D 183 -9.59 4.52 -8.45
C LEU D 183 -8.59 5.29 -7.56
N GLU D 184 -7.76 4.58 -6.82
CA GLU D 184 -6.77 5.23 -5.95
C GLU D 184 -5.77 6.03 -6.73
N GLY D 185 -5.24 5.48 -7.80
CA GLY D 185 -4.20 6.18 -8.57
C GLY D 185 -4.76 7.41 -9.24
N PHE D 186 -5.92 7.24 -9.84
CA PHE D 186 -6.59 8.34 -10.50
C PHE D 186 -6.90 9.46 -9.54
N THR D 187 -7.48 9.11 -8.41
CA THR D 187 -7.88 10.11 -7.40
C THR D 187 -6.66 10.87 -6.91
N ARG D 188 -5.57 10.14 -6.73
CA ARG D 188 -4.35 10.75 -6.20
C ARG D 188 -3.80 11.72 -7.24
N ALA D 189 -3.83 11.35 -8.50
CA ALA D 189 -3.24 12.19 -9.55
C ALA D 189 -4.05 13.45 -9.85
N LEU D 190 -5.36 13.27 -9.93
CA LEU D 190 -6.22 14.40 -10.18
C LEU D 190 -6.11 15.38 -9.01
N ALA D 191 -6.01 14.87 -7.80
CA ALA D 191 -5.85 15.73 -6.64
C ALA D 191 -4.63 16.64 -6.80
N ARG D 192 -3.52 16.10 -7.27
CA ARG D 192 -2.32 16.89 -7.48
C ARG D 192 -2.53 17.98 -8.54
N GLU D 193 -3.21 17.64 -9.62
CA GLU D 193 -3.41 18.56 -10.72
CA GLU D 193 -3.28 18.62 -10.67
C GLU D 193 -4.23 19.79 -10.31
N VAL D 194 -5.22 19.60 -9.41
CA VAL D 194 -6.21 20.67 -9.10
C VAL D 194 -6.09 21.31 -7.72
N GLY D 195 -5.19 20.80 -6.91
CA GLY D 195 -5.02 21.27 -5.55
C GLY D 195 -4.82 22.76 -5.38
N SER D 196 -3.91 23.36 -6.15
CA SER D 196 -3.64 24.81 -6.01
C SER D 196 -4.92 25.67 -6.06
N ARG D 197 -6.00 25.12 -6.57
CA ARG D 197 -7.27 25.85 -6.70
C ARG D 197 -8.28 25.61 -5.58
N ALA D 198 -7.81 25.03 -4.46
CA ALA D 198 -8.65 24.75 -3.30
C ALA D 198 -9.81 23.83 -3.72
N ILE D 199 -9.51 22.90 -4.60
CA ILE D 199 -10.43 21.83 -4.97
C ILE D 199 -9.80 20.55 -4.44
N THR D 200 -10.58 19.78 -3.68
CA THR D 200 -10.10 18.53 -3.15
C THR D 200 -10.71 17.38 -3.93
N VAL D 201 -9.90 16.34 -4.12
CA VAL D 201 -10.33 15.16 -4.84
C VAL D 201 -10.06 13.94 -4.00
N ASN D 202 -11.14 13.25 -3.67
CA ASN D 202 -11.06 12.12 -2.77
C ASN D 202 -11.94 10.99 -3.23
N ALA D 203 -11.75 9.84 -2.60
CA ALA D 203 -12.45 8.67 -3.00
C ALA D 203 -12.95 7.93 -1.77
N VAL D 204 -14.02 7.17 -1.94
CA VAL D 204 -14.51 6.29 -0.93
C VAL D 204 -14.55 4.87 -1.50
N ALA D 205 -13.97 3.94 -0.76
CA ALA D 205 -13.85 2.56 -1.19
C ALA D 205 -14.76 1.71 -0.31
N PRO D 206 -15.96 1.38 -0.81
CA PRO D 206 -16.86 0.54 -0.01
C PRO D 206 -16.48 -0.92 -0.04
N GLY D 207 -16.77 -1.58 1.08
CA GLY D 207 -16.59 -3.02 1.23
C GLY D 207 -17.90 -3.67 0.91
N PHE D 208 -18.44 -4.44 1.84
CA PHE D 208 -19.63 -5.24 1.58
C PHE D 208 -20.83 -4.46 2.14
N ILE D 209 -21.64 -3.90 1.24
CA ILE D 209 -22.71 -2.97 1.62
C ILE D 209 -24.02 -3.56 1.27
N ASP D 210 -25.00 -3.34 2.11
CA ASP D 210 -26.33 -3.86 1.87
C ASP D 210 -26.96 -3.11 0.70
N THR D 211 -26.99 -3.75 -0.46
CA THR D 211 -27.64 -3.19 -1.66
C THR D 211 -28.36 -4.28 -2.48
N ASP D 212 -29.02 -3.83 -3.55
CA ASP D 212 -29.75 -4.74 -4.44
C ASP D 212 -28.94 -5.93 -4.89
N MET D 213 -27.72 -5.69 -5.36
CA MET D 213 -26.87 -6.80 -5.78
C MET D 213 -26.58 -7.77 -4.62
N THR D 214 -26.38 -7.22 -3.45
CA THR D 214 -25.90 -8.02 -2.30
C THR D 214 -27.01 -8.73 -1.52
N ARG D 215 -28.21 -8.21 -1.57
CA ARG D 215 -29.37 -8.89 -1.00
C ARG D 215 -29.75 -10.18 -1.74
N GLU D 216 -29.32 -10.27 -3.00
CA GLU D 216 -29.67 -11.36 -3.89
C GLU D 216 -28.67 -12.49 -3.74
N LEU D 217 -27.57 -12.25 -3.02
CA LEU D 217 -26.44 -13.18 -3.07
C LEU D 217 -26.67 -14.47 -2.28
N PRO D 218 -26.15 -15.58 -2.81
CA PRO D 218 -26.32 -16.89 -2.14
C PRO D 218 -25.88 -16.89 -0.69
N GLU D 219 -26.55 -17.68 0.12
CA GLU D 219 -26.22 -17.78 1.54
C GLU D 219 -24.76 -18.12 1.84
N ALA D 220 -24.12 -18.93 0.99
CA ALA D 220 -22.74 -19.36 1.21
C ALA D 220 -21.76 -18.21 1.02
N GLN D 221 -21.95 -17.48 -0.07
CA GLN D 221 -21.22 -16.25 -0.32
C GLN D 221 -21.31 -15.29 0.85
N ARG D 222 -22.54 -15.04 1.31
CA ARG D 222 -22.79 -14.07 2.37
C ARG D 222 -22.09 -14.47 3.63
N GLU D 223 -22.16 -15.75 3.97
CA GLU D 223 -21.51 -16.26 5.16
C GLU D 223 -19.98 -16.16 5.10
N ALA D 224 -19.42 -16.59 3.97
CA ALA D 224 -17.98 -16.50 3.74
C ALA D 224 -17.53 -15.07 3.94
N LEU D 225 -18.19 -14.15 3.23
CA LEU D 225 -17.88 -12.73 3.30
C LEU D 225 -17.94 -12.18 4.72
N LEU D 226 -19.04 -12.42 5.45
CA LEU D 226 -19.16 -11.98 6.85
C LEU D 226 -18.02 -12.48 7.71
N GLY D 227 -17.48 -13.64 7.38
CA GLY D 227 -16.35 -14.21 8.12
C GLY D 227 -15.07 -13.44 7.96
N GLN D 228 -14.92 -12.76 6.82
CA GLN D 228 -13.79 -11.89 6.57
C GLN D 228 -13.93 -10.46 7.15
N ILE D 229 -15.07 -10.12 7.76
CA ILE D 229 -15.34 -8.74 8.17
C ILE D 229 -15.34 -8.60 9.69
N PRO D 230 -14.32 -7.97 10.25
CA PRO D 230 -14.22 -7.80 11.70
C PRO D 230 -15.53 -7.30 12.38
N LEU D 231 -16.24 -6.37 11.76
CA LEU D 231 -17.51 -5.91 12.38
C LEU D 231 -18.62 -6.96 12.32
N GLY D 232 -18.40 -8.01 11.55
CA GLY D 232 -19.35 -9.12 11.47
C GLY D 232 -20.69 -8.74 10.89
N ARG D 233 -20.73 -7.72 10.03
CA ARG D 233 -21.97 -7.31 9.39
C ARG D 233 -21.68 -6.54 8.12
N LEU D 234 -22.71 -6.44 7.29
CA LEU D 234 -22.73 -5.58 6.13
C LEU D 234 -22.80 -4.12 6.50
N GLY D 235 -22.21 -3.27 5.67
CA GLY D 235 -22.38 -1.82 5.81
C GLY D 235 -23.75 -1.41 5.27
N GLN D 236 -24.32 -0.37 5.85
CA GLN D 236 -25.51 0.28 5.30
C GLN D 236 -25.08 1.34 4.30
N ALA D 237 -25.93 1.62 3.31
CA ALA D 237 -25.62 2.65 2.32
C ALA D 237 -25.46 4.03 2.95
N GLU D 238 -26.22 4.29 4.02
CA GLU D 238 -26.11 5.52 4.81
C GLU D 238 -24.71 5.71 5.39
N GLU D 239 -24.02 4.61 5.72
CA GLU D 239 -22.68 4.69 6.29
C GLU D 239 -21.65 5.08 5.23
N ILE D 240 -21.94 4.88 3.96
CA ILE D 240 -21.10 5.46 2.91
C ILE D 240 -21.40 6.94 2.73
N ALA D 241 -22.70 7.25 2.71
CA ALA D 241 -23.17 8.63 2.58
C ALA D 241 -22.66 9.57 3.65
N LYS D 242 -22.54 9.09 4.87
CA LYS D 242 -22.03 9.96 5.93
C LYS D 242 -20.58 10.33 5.66
N VAL D 243 -19.78 9.39 5.13
CA VAL D 243 -18.38 9.67 4.82
C VAL D 243 -18.31 10.68 3.68
N VAL D 244 -19.12 10.48 2.66
CA VAL D 244 -19.15 11.43 1.55
C VAL D 244 -19.51 12.84 2.05
N GLY D 245 -20.46 12.91 2.99
CA GLY D 245 -20.94 14.20 3.48
C GLY D 245 -19.85 14.92 4.26
N PHE D 246 -19.09 14.19 5.05
CA PHE D 246 -17.99 14.80 5.76
C PHE D 246 -16.94 15.35 4.80
N LEU D 247 -16.52 14.54 3.85
CA LEU D 247 -15.55 14.95 2.84
C LEU D 247 -16.00 16.16 2.06
N ALA D 248 -17.31 16.35 1.88
CA ALA D 248 -17.81 17.51 1.12
C ALA D 248 -17.82 18.78 1.97
N SER D 249 -17.61 18.65 3.27
CA SER D 249 -17.68 19.78 4.18
C SER D 249 -16.39 20.57 4.20
N ASP D 250 -16.43 21.70 4.90
CA ASP D 250 -15.27 22.57 5.09
C ASP D 250 -14.24 21.95 5.99
N GLY D 251 -14.69 21.07 6.88
CA GLY D 251 -13.77 20.43 7.80
C GLY D 251 -12.82 19.48 7.12
N ALA D 252 -13.17 18.99 5.94
CA ALA D 252 -12.31 18.08 5.21
C ALA D 252 -11.40 18.83 4.24
N ALA D 253 -11.23 20.14 4.43
CA ALA D 253 -10.57 20.94 3.39
C ALA D 253 -9.10 20.62 3.21
N TYR D 254 -8.45 20.04 4.21
CA TYR D 254 -7.03 19.62 4.03
C TYR D 254 -6.89 18.13 3.64
N VAL D 255 -8.02 17.45 3.42
CA VAL D 255 -7.97 16.07 2.98
C VAL D 255 -8.10 16.04 1.47
N THR D 256 -7.07 15.56 0.80
CA THR D 256 -7.13 15.41 -0.66
C THR D 256 -6.17 14.34 -1.16
N GLY D 257 -6.57 13.70 -2.26
CA GLY D 257 -5.87 12.55 -2.82
C GLY D 257 -6.07 11.27 -2.02
N ALA D 258 -7.00 11.30 -1.05
CA ALA D 258 -7.24 10.18 -0.16
C ALA D 258 -8.29 9.23 -0.69
N THR D 259 -8.10 7.96 -0.42
CA THR D 259 -9.18 6.99 -0.58
C THR D 259 -9.55 6.48 0.80
N VAL D 260 -10.75 6.79 1.29
CA VAL D 260 -11.17 6.37 2.62
C VAL D 260 -11.91 5.05 2.51
N PRO D 261 -11.37 3.99 3.12
CA PRO D 261 -12.03 2.70 2.94
C PRO D 261 -13.09 2.61 3.97
N VAL D 262 -14.25 2.10 3.56
CA VAL D 262 -15.39 2.02 4.43
C VAL D 262 -15.92 0.60 4.28
N ASN D 263 -15.32 -0.30 5.05
CA ASN D 263 -15.44 -1.71 4.80
C ASN D 263 -15.42 -2.55 6.04
N GLY D 264 -15.71 -1.96 7.18
CA GLY D 264 -15.87 -2.73 8.39
C GLY D 264 -14.64 -3.50 8.80
N GLY D 265 -13.51 -3.13 8.23
CA GLY D 265 -12.22 -3.70 8.60
C GLY D 265 -11.74 -4.83 7.69
N MET D 266 -12.48 -5.15 6.64
CA MET D 266 -12.06 -6.17 5.69
C MET D 266 -11.31 -5.56 4.53
N TYR D 267 -10.02 -5.88 4.40
CA TYR D 267 -9.19 -5.29 3.32
C TYR D 267 -8.75 -6.34 2.31
N MET D 268 -8.82 -5.95 1.04
CA MET D 268 -8.65 -6.89 -0.05
C MET D 268 -7.96 -6.23 -1.25
N SER D 269 -6.66 -6.51 -1.40
CA SER D 269 -5.96 -6.18 -2.64
C SER D 269 -5.59 -7.47 -3.35
#